data_4J34
#
_entry.id   4J34
#
_cell.length_a   59.070
_cell.length_b   98.780
_cell.length_c   86.300
_cell.angle_alpha   90.000
_cell.angle_beta   105.770
_cell.angle_gamma   90.000
#
_symmetry.space_group_name_H-M   'P 1 21 1'
#
loop_
_entity.id
_entity.type
_entity.pdbx_description
1 polymer 'Kynurenine 3-monooxygenase'
2 non-polymer 'FLAVIN-ADENINE DINUCLEOTIDE'
3 water water
#
_entity_poly.entity_id   1
_entity_poly.type   'polypeptide(L)'
_entity_poly.pdbx_seq_one_letter_code
;MMSESVAIIGAGLVGCLAALAFSKEGYNVTLYDFRQDPRLDTTKNKNLKSINLAISARGIDALKSIDPDACEHILQDMIP
MKGRMIHDLKGRQESQLYGLHGEAINSINRSVLNNSLLDELEKSTTELKFGHKLVKIEWTDDKQICHFAIGEDLKTPHTE
KYDFVIGCDGAYSATRSQMQRKVEMDFSQEYMNLRYIELYIPPTEEFKPNYGGNFAIAPDHLHIWPRHKFMLIALANSDG
SFTSTFFGSKDQISDLITSKSRVREFLIENFPDIINIMDLDDAVKRFITYPKESLVCVNCKPYDVPGGKAILLGDAAHAM
VPFYGQGMNCGFEDVRILMALLKKHSGDRSRAFTEYTQTRHKDLVSITELAKRNYKEMSHDVTSKRFLLRKKLDA
;
_entity_poly.pdbx_strand_id   A,B
#
loop_
_chem_comp.id
_chem_comp.type
_chem_comp.name
_chem_comp.formula
FAD non-polymer 'FLAVIN-ADENINE DINUCLEOTIDE' 'C27 H33 N9 O15 P2'
#
# COMPACT_ATOMS: atom_id res chain seq x y z
N SER A 3 10.98 20.30 28.24
CA SER A 3 11.77 21.00 27.24
C SER A 3 11.97 20.16 25.97
N GLU A 4 11.32 18.99 25.93
CA GLU A 4 11.43 18.09 24.78
C GLU A 4 10.93 18.75 23.48
N SER A 5 11.63 18.52 22.38
CA SER A 5 11.32 19.17 21.12
C SER A 5 10.52 18.25 20.19
N VAL A 6 9.59 18.85 19.44
CA VAL A 6 8.81 18.09 18.48
C VAL A 6 8.59 18.92 17.24
N ALA A 7 8.74 18.28 16.10
CA ALA A 7 8.46 18.88 14.83
C ALA A 7 7.14 18.28 14.36
N ILE A 8 6.19 19.14 14.04
CA ILE A 8 4.88 18.69 13.55
C ILE A 8 4.81 19.05 12.09
N ILE A 9 4.73 18.01 11.25
CA ILE A 9 4.79 18.19 9.82
C ILE A 9 3.38 18.37 9.27
N GLY A 10 3.08 19.56 8.78
CA GLY A 10 1.78 19.84 8.19
C GLY A 10 0.91 20.71 9.08
N ALA A 11 0.45 21.83 8.54
CA ALA A 11 -0.35 22.77 9.30
C ALA A 11 -1.79 22.86 8.81
N GLY A 12 -2.40 21.73 8.47
CA GLY A 12 -3.82 21.71 8.21
C GLY A 12 -4.53 21.70 9.54
N LEU A 13 -5.81 21.32 9.54
CA LEU A 13 -6.60 21.35 10.76
C LEU A 13 -5.99 20.47 11.86
N VAL A 14 -5.53 19.29 11.50
CA VAL A 14 -5.10 18.33 12.51
C VAL A 14 -3.72 18.71 13.04
N GLY A 15 -2.82 19.10 12.16
CA GLY A 15 -1.52 19.59 12.56
C GLY A 15 -1.57 20.81 13.48
N CYS A 16 -2.45 21.78 13.17
CA CYS A 16 -2.61 22.95 14.05
C CYS A 16 -3.15 22.54 15.40
N LEU A 17 -4.18 21.69 15.41
CA LEU A 17 -4.71 21.24 16.69
C LEU A 17 -3.67 20.51 17.52
N ALA A 18 -2.90 19.64 16.87
CA ALA A 18 -1.81 18.91 17.54
C ALA A 18 -0.79 19.88 18.11
N ALA A 19 -0.41 20.90 17.33
CA ALA A 19 0.55 21.91 17.79
C ALA A 19 0.04 22.64 19.01
N LEU A 20 -1.24 23.00 18.99
CA LEU A 20 -1.85 23.72 20.11
C LEU A 20 -1.79 22.81 21.33
N ALA A 21 -2.09 21.53 21.10
CA ALA A 21 -2.08 20.50 22.14
C ALA A 21 -0.72 20.38 22.84
N PHE A 22 0.32 20.11 22.04
CA PHE A 22 1.66 19.96 22.58
C PHE A 22 2.26 21.26 23.13
N SER A 23 1.98 22.39 22.47
CA SER A 23 2.34 23.71 22.98
C SER A 23 1.96 23.89 24.43
N LYS A 24 0.73 23.52 24.75
CA LYS A 24 0.16 23.80 26.07
C LYS A 24 0.67 22.85 27.13
N GLU A 25 1.14 21.68 26.71
CA GLU A 25 1.68 20.72 27.66
C GLU A 25 3.09 21.08 28.09
N GLY A 26 3.71 22.00 27.37
CA GLY A 26 5.04 22.47 27.70
C GLY A 26 6.14 21.94 26.80
N TYR A 27 5.78 21.43 25.63
CA TYR A 27 6.78 21.03 24.64
C TYR A 27 7.24 22.24 23.84
N ASN A 28 8.46 22.19 23.31
CA ASN A 28 8.88 23.14 22.30
C ASN A 28 8.47 22.62 20.94
N VAL A 29 7.42 23.23 20.38
CA VAL A 29 6.82 22.80 19.12
C VAL A 29 7.30 23.66 17.97
N THR A 30 7.76 23.03 16.91
CA THR A 30 7.91 23.71 15.63
C THR A 30 6.92 23.10 14.63
N LEU A 31 6.13 23.96 13.98
CA LEU A 31 5.12 23.53 13.02
C LEU A 31 5.55 23.86 11.61
N TYR A 32 5.69 22.83 10.79
CA TYR A 32 6.16 23.00 9.41
C TYR A 32 5.05 22.77 8.36
N ASP A 33 5.11 23.51 7.25
CA ASP A 33 4.23 23.25 6.11
C ASP A 33 4.87 23.80 4.84
N PHE A 34 4.80 23.07 3.73
CA PHE A 34 5.37 23.61 2.50
C PHE A 34 4.60 24.79 1.90
N ARG A 35 3.30 24.89 2.20
CA ARG A 35 2.45 25.99 1.73
C ARG A 35 2.88 27.32 2.35
N GLN A 36 2.55 28.42 1.69
CA GLN A 36 2.64 29.72 2.37
C GLN A 36 1.49 29.88 3.35
N ASP A 37 1.68 30.75 4.33
CA ASP A 37 0.65 31.11 5.31
C ASP A 37 -0.67 31.51 4.62
N PRO A 38 -1.75 30.73 4.86
CA PRO A 38 -3.04 31.02 4.23
C PRO A 38 -3.65 32.35 4.71
N ARG A 39 -3.18 32.86 5.85
CA ARG A 39 -3.67 34.14 6.38
C ARG A 39 -3.20 35.34 5.53
N LEU A 40 -2.12 35.17 4.79
CA LEU A 40 -1.55 36.25 3.98
C LEU A 40 -2.33 36.54 2.70
N ASP A 41 -2.52 37.83 2.44
CA ASP A 41 -3.22 38.31 1.26
C ASP A 41 -2.55 37.80 -0.01
N THR A 42 -1.22 37.69 0.03
CA THR A 42 -0.45 37.23 -1.12
C THR A 42 -0.51 35.70 -1.37
N THR A 43 -0.97 34.94 -0.41
CA THR A 43 -1.12 33.49 -0.62
C THR A 43 -2.37 33.27 -1.47
N LYS A 44 -2.18 32.89 -2.74
CA LYS A 44 -3.31 32.81 -3.65
C LYS A 44 -4.12 31.50 -3.53
N ASN A 45 -3.42 30.40 -3.23
CA ASN A 45 -4.09 29.13 -3.06
C ASN A 45 -4.14 28.68 -1.61
N LYS A 46 -5.33 28.79 -1.02
CA LYS A 46 -5.51 28.48 0.38
C LYS A 46 -5.71 26.99 0.67
N ASN A 47 -5.60 26.13 -0.34
CA ASN A 47 -5.78 24.69 -0.14
C ASN A 47 -7.01 24.34 0.70
N LEU A 48 -8.16 24.88 0.32
CA LEU A 48 -9.40 24.60 1.02
C LEU A 48 -10.15 23.56 0.24
N LYS A 49 -10.19 22.33 0.72
CA LYS A 49 -10.88 21.24 0.02
C LYS A 49 -12.40 21.45 0.02
N SER A 50 -12.91 22.21 1.00
CA SER A 50 -14.32 22.61 1.01
C SER A 50 -14.49 23.90 1.78
N ILE A 51 -15.53 24.68 1.48
CA ILE A 51 -15.80 25.95 2.15
C ILE A 51 -16.20 25.78 3.62
N ASN A 52 -17.09 24.83 3.89
CA ASN A 52 -17.49 24.55 5.26
C ASN A 52 -17.37 23.06 5.58
N LEU A 53 -17.59 22.73 6.85
CA LEU A 53 -17.45 21.38 7.35
C LEU A 53 -18.57 21.16 8.33
N ALA A 54 -18.87 19.88 8.56
CA ALA A 54 -19.75 19.43 9.62
C ALA A 54 -18.88 18.99 10.79
N ILE A 55 -18.81 19.82 11.82
CA ILE A 55 -18.11 19.41 13.04
C ILE A 55 -19.11 18.79 14.02
N SER A 56 -18.75 17.65 14.59
CA SER A 56 -19.64 16.90 15.45
C SER A 56 -19.32 17.16 16.91
N ALA A 57 -20.00 16.44 17.79
CA ALA A 57 -19.75 16.48 19.23
C ALA A 57 -18.32 16.06 19.60
N ARG A 58 -17.81 15.00 18.97
CA ARG A 58 -16.44 14.58 19.22
C ARG A 58 -15.42 15.63 18.80
N GLY A 59 -15.55 16.13 17.57
CA GLY A 59 -14.69 17.19 17.08
C GLY A 59 -14.66 18.37 18.04
N ILE A 60 -15.82 18.76 18.53
CA ILE A 60 -15.98 19.92 19.41
C ILE A 60 -15.33 19.70 20.78
N ASP A 61 -15.61 18.52 21.35
CA ASP A 61 -15.07 18.13 22.65
C ASP A 61 -13.56 18.16 22.62
N ALA A 62 -12.99 17.61 21.55
CA ALA A 62 -11.54 17.52 21.43
C ALA A 62 -10.92 18.91 21.45
N LEU A 63 -11.57 19.86 20.80
CA LEU A 63 -11.06 21.23 20.81
C LEU A 63 -11.24 21.83 22.20
N LYS A 64 -12.34 21.47 22.85
CA LYS A 64 -12.69 21.99 24.17
C LYS A 64 -11.71 21.51 25.23
N SER A 65 -11.18 20.31 25.04
CA SER A 65 -10.26 19.72 26.02
C SER A 65 -8.84 20.23 25.87
N ILE A 66 -8.60 21.09 24.89
CA ILE A 66 -7.26 21.63 24.67
C ILE A 66 -7.20 23.13 25.01
N ASP A 67 -8.31 23.84 24.78
CA ASP A 67 -8.37 25.26 25.11
C ASP A 67 -9.82 25.75 25.12
N PRO A 68 -10.52 25.55 26.25
CA PRO A 68 -11.94 25.88 26.41
C PRO A 68 -12.27 27.35 26.13
N ASP A 69 -11.36 28.25 26.49
CA ASP A 69 -11.61 29.69 26.36
C ASP A 69 -11.55 30.15 24.91
N ALA A 70 -10.55 29.65 24.18
CA ALA A 70 -10.43 29.98 22.77
C ALA A 70 -11.50 29.23 21.98
N CYS A 71 -11.72 27.96 22.35
CA CYS A 71 -12.72 27.11 21.70
C CYS A 71 -14.10 27.76 21.69
N GLU A 72 -14.45 28.45 22.76
CA GLU A 72 -15.68 29.24 22.84
C GLU A 72 -15.72 30.26 21.72
N HIS A 73 -14.63 30.99 21.53
CA HIS A 73 -14.60 32.04 20.53
C HIS A 73 -14.31 31.48 19.13
N ILE A 74 -13.60 30.35 19.07
CA ILE A 74 -13.36 29.68 17.80
C ILE A 74 -14.67 29.17 17.19
N LEU A 75 -15.53 28.59 18.01
CA LEU A 75 -16.79 28.02 17.54
C LEU A 75 -17.98 28.96 17.72
N GLN A 76 -17.73 30.26 17.63
CA GLN A 76 -18.76 31.26 17.90
C GLN A 76 -19.92 31.23 16.89
N ASP A 77 -19.58 31.14 15.61
CA ASP A 77 -20.54 31.29 14.54
C ASP A 77 -20.95 29.97 13.87
N MET A 78 -20.72 28.86 14.55
CA MET A 78 -21.16 27.58 14.01
C MET A 78 -22.69 27.50 14.03
N ILE A 79 -23.23 26.67 13.16
CA ILE A 79 -24.68 26.53 13.02
C ILE A 79 -25.08 25.11 13.33
N PRO A 80 -25.83 24.91 14.42
CA PRO A 80 -26.26 23.56 14.79
C PRO A 80 -27.29 23.02 13.80
N MET A 81 -27.21 21.73 13.47
CA MET A 81 -28.18 21.07 12.61
C MET A 81 -29.10 20.18 13.45
N LYS A 82 -30.37 20.09 13.07
CA LYS A 82 -31.33 19.28 13.83
C LYS A 82 -31.64 17.98 13.11
N GLY A 83 -31.31 17.92 11.84
CA GLY A 83 -31.52 16.72 11.05
C GLY A 83 -31.14 16.90 9.60
N ARG A 84 -31.68 16.03 8.76
CA ARG A 84 -31.46 16.11 7.33
C ARG A 84 -32.77 16.42 6.65
N MET A 85 -32.69 17.25 5.60
CA MET A 85 -33.86 17.57 4.79
C MET A 85 -33.68 16.93 3.42
N ILE A 86 -34.50 15.92 3.12
CA ILE A 86 -34.39 15.16 1.88
C ILE A 86 -35.23 15.83 0.80
N HIS A 87 -34.62 16.11 -0.35
CA HIS A 87 -35.35 16.67 -1.49
C HIS A 87 -35.51 15.62 -2.58
N ASP A 88 -36.72 15.09 -2.76
CA ASP A 88 -36.96 14.11 -3.83
C ASP A 88 -36.84 14.68 -5.25
N LEU A 89 -37.00 13.81 -6.25
CA LEU A 89 -36.89 14.23 -7.65
C LEU A 89 -37.90 15.32 -8.03
N LYS A 90 -39.00 15.38 -7.31
CA LYS A 90 -40.07 16.34 -7.65
C LYS A 90 -39.95 17.67 -6.91
N GLY A 91 -38.98 17.77 -6.00
CA GLY A 91 -38.76 18.99 -5.24
C GLY A 91 -39.45 18.98 -3.89
N ARG A 92 -40.09 17.86 -3.57
CA ARG A 92 -40.69 17.72 -2.25
C ARG A 92 -39.59 17.64 -1.20
N GLN A 93 -39.79 18.31 -0.06
CA GLN A 93 -38.83 18.25 1.04
C GLN A 93 -39.37 17.47 2.23
N GLU A 94 -38.60 16.54 2.75
CA GLU A 94 -38.96 15.82 3.96
C GLU A 94 -37.91 16.07 5.06
N SER A 95 -38.36 16.42 6.26
CA SER A 95 -37.45 16.62 7.38
C SER A 95 -37.22 15.31 8.13
N GLN A 96 -35.97 14.88 8.22
CA GLN A 96 -35.61 13.68 9.00
C GLN A 96 -34.68 14.01 10.17
N LEU A 97 -35.27 14.18 11.34
CA LEU A 97 -34.53 14.57 12.55
C LEU A 97 -33.58 13.49 13.07
N TYR A 98 -32.49 13.94 13.69
CA TYR A 98 -31.42 13.04 14.11
C TYR A 98 -31.85 12.15 15.27
N GLY A 99 -31.94 10.84 14.98
CA GLY A 99 -32.40 9.85 15.96
C GLY A 99 -31.36 9.38 16.96
N LEU A 100 -31.62 8.22 17.56
CA LEU A 100 -30.78 7.72 18.66
C LEU A 100 -29.60 6.89 18.16
N HIS A 101 -29.41 6.85 16.85
CA HIS A 101 -28.21 6.26 16.28
C HIS A 101 -27.30 7.34 15.63
N GLY A 102 -27.92 8.41 15.13
CA GLY A 102 -27.19 9.45 14.42
C GLY A 102 -26.61 10.56 15.29
N GLU A 103 -25.44 11.06 14.90
CA GLU A 103 -24.71 12.06 15.68
C GLU A 103 -25.01 13.49 15.19
N ALA A 104 -25.11 14.42 16.13
CA ALA A 104 -25.44 15.80 15.80
C ALA A 104 -24.25 16.53 15.22
N ILE A 105 -24.52 17.47 14.31
CA ILE A 105 -23.44 18.20 13.65
C ILE A 105 -23.69 19.70 13.56
N ASN A 106 -22.62 20.43 13.31
CA ASN A 106 -22.67 21.88 13.20
C ASN A 106 -21.90 22.31 11.99
N SER A 107 -22.40 23.33 11.30
CA SER A 107 -21.70 23.87 10.16
C SER A 107 -20.67 24.85 10.65
N ILE A 108 -19.44 24.70 10.21
CA ILE A 108 -18.39 25.69 10.50
C ILE A 108 -17.54 25.95 9.26
N ASN A 109 -17.10 27.18 9.10
CA ASN A 109 -16.32 27.59 7.94
C ASN A 109 -14.89 27.10 8.04
N ARG A 110 -14.38 26.45 6.99
CA ARG A 110 -13.05 25.83 7.04
C ARG A 110 -11.91 26.85 7.23
N SER A 111 -11.92 27.88 6.39
CA SER A 111 -10.90 28.93 6.39
C SER A 111 -10.83 29.56 7.78
N VAL A 112 -12.00 29.85 8.33
CA VAL A 112 -12.08 30.57 9.60
C VAL A 112 -11.52 29.72 10.74
N LEU A 113 -11.86 28.43 10.74
CA LEU A 113 -11.35 27.50 11.74
C LEU A 113 -9.83 27.40 11.64
N ASN A 114 -9.32 27.08 10.46
CA ASN A 114 -7.88 26.87 10.29
C ASN A 114 -7.09 28.14 10.59
N ASN A 115 -7.58 29.30 10.12
CA ASN A 115 -6.91 30.57 10.42
C ASN A 115 -6.97 30.90 11.91
N SER A 116 -8.10 30.61 12.56
CA SER A 116 -8.24 30.87 14.00
C SER A 116 -7.30 30.03 14.83
N LEU A 117 -7.12 28.75 14.43
CA LEU A 117 -6.12 27.91 15.06
C LEU A 117 -4.70 28.47 14.88
N LEU A 118 -4.41 28.99 13.69
CA LEU A 118 -3.09 29.59 13.46
C LEU A 118 -2.88 30.82 14.34
N ASP A 119 -3.93 31.61 14.54
CA ASP A 119 -3.89 32.76 15.45
C ASP A 119 -3.67 32.35 16.91
N GLU A 120 -4.29 31.25 17.37
CA GLU A 120 -3.98 30.75 18.72
C GLU A 120 -2.53 30.29 18.83
N LEU A 121 -2.03 29.64 17.78
CA LEU A 121 -0.64 29.22 17.73
C LEU A 121 0.31 30.43 17.80
N GLU A 122 -0.02 31.50 17.08
CA GLU A 122 0.77 32.72 17.10
C GLU A 122 0.88 33.28 18.53
N LYS A 123 -0.18 33.11 19.32
CA LYS A 123 -0.20 33.51 20.72
C LYS A 123 0.57 32.58 21.65
N SER A 124 0.97 31.42 21.14
CA SER A 124 1.64 30.42 21.96
C SER A 124 3.13 30.43 21.70
N THR A 125 3.82 29.46 22.30
CA THR A 125 5.26 29.32 22.14
C THR A 125 5.68 28.66 20.82
N THR A 126 4.70 28.19 20.05
CA THR A 126 4.96 27.43 18.83
C THR A 126 5.66 28.23 17.77
N GLU A 127 6.72 27.68 17.17
CA GLU A 127 7.33 28.28 15.98
C GLU A 127 6.60 27.83 14.72
N LEU A 128 6.10 28.79 13.94
CA LEU A 128 5.47 28.47 12.67
C LEU A 128 6.48 28.60 11.54
N LYS A 129 6.74 27.52 10.83
CA LYS A 129 7.64 27.57 9.68
C LYS A 129 6.95 27.22 8.36
N PHE A 130 6.44 28.23 7.68
CA PHE A 130 5.80 28.01 6.38
C PHE A 130 6.86 27.96 5.27
N GLY A 131 6.47 27.54 4.08
CA GLY A 131 7.41 27.38 2.98
C GLY A 131 8.54 26.40 3.27
N HIS A 132 8.28 25.42 4.13
CA HIS A 132 9.28 24.41 4.49
C HIS A 132 8.75 23.01 4.16
N LYS A 133 9.35 22.36 3.17
CA LYS A 133 8.89 21.06 2.74
C LYS A 133 9.76 19.93 3.29
N LEU A 134 9.17 19.07 4.11
CA LEU A 134 9.90 17.92 4.63
C LEU A 134 10.28 17.01 3.47
N VAL A 135 11.58 16.74 3.33
CA VAL A 135 12.07 15.88 2.27
C VAL A 135 12.70 14.58 2.79
N LYS A 136 13.14 14.57 4.04
CA LYS A 136 13.81 13.37 4.57
C LYS A 136 13.95 13.37 6.10
N ILE A 137 13.84 12.20 6.70
CA ILE A 137 14.14 12.05 8.11
C ILE A 137 15.27 11.02 8.32
N GLU A 138 16.27 11.39 9.11
CA GLU A 138 17.25 10.43 9.59
C GLU A 138 16.86 10.02 10.99
N TRP A 139 16.59 8.73 11.19
CA TRP A 139 16.16 8.22 12.48
C TRP A 139 17.37 7.78 13.31
N THR A 140 17.36 8.12 14.58
CA THR A 140 18.37 7.64 15.53
C THR A 140 17.69 7.31 16.83
N ASP A 141 18.45 6.82 17.79
CA ASP A 141 17.93 6.50 19.10
C ASP A 141 17.90 7.74 19.98
N ASP A 142 18.40 8.85 19.44
CA ASP A 142 18.29 10.14 20.12
C ASP A 142 18.28 11.30 19.14
N LYS A 143 17.12 11.94 19.05
CA LYS A 143 16.90 13.06 18.12
C LYS A 143 16.90 12.65 16.65
N GLN A 144 15.76 12.90 16.02
CA GLN A 144 15.55 12.56 14.63
C GLN A 144 15.96 13.76 13.82
N ILE A 145 16.67 13.51 12.72
CA ILE A 145 17.18 14.59 11.90
C ILE A 145 16.23 14.83 10.72
N CYS A 146 15.59 16.00 10.72
CA CYS A 146 14.64 16.36 9.67
C CYS A 146 15.29 17.24 8.62
N HIS A 147 15.13 16.88 7.35
CA HIS A 147 15.62 17.73 6.27
C HIS A 147 14.48 18.38 5.53
N PHE A 148 14.61 19.69 5.29
CA PHE A 148 13.62 20.44 4.56
C PHE A 148 14.26 21.15 3.38
N ALA A 149 13.42 21.49 2.41
CA ALA A 149 13.79 22.38 1.32
C ALA A 149 12.93 23.66 1.40
N ILE A 150 13.56 24.83 1.27
CA ILE A 150 12.85 26.12 1.34
C ILE A 150 12.77 26.89 0.02
N GLY A 151 11.64 27.56 -0.19
CA GLY A 151 11.53 28.65 -1.15
C GLY A 151 11.71 28.36 -2.63
N GLU A 152 10.59 28.19 -3.34
CA GLU A 152 10.57 28.06 -4.80
C GLU A 152 11.47 26.97 -5.35
N ASP A 153 12.52 27.39 -6.07
CA ASP A 153 13.59 26.48 -6.46
C ASP A 153 14.18 25.95 -5.16
N LEU A 154 13.42 25.08 -4.50
CA LEU A 154 13.57 24.79 -3.07
C LEU A 154 15.02 24.60 -2.63
N LYS A 155 15.49 25.52 -1.78
CA LYS A 155 16.87 25.54 -1.30
C LYS A 155 17.15 24.35 -0.42
N THR A 156 17.53 24.62 0.83
CA THR A 156 17.94 23.57 1.74
C THR A 156 17.94 24.08 3.16
N PRO A 157 16.80 23.94 3.87
CA PRO A 157 16.81 24.37 5.28
C PRO A 157 17.74 23.51 6.10
N HIS A 158 18.98 23.38 5.64
CA HIS A 158 20.02 22.51 6.20
C HIS A 158 19.49 21.25 6.88
N THR A 159 18.85 21.43 8.03
CA THR A 159 18.35 20.38 8.90
C THR A 159 17.98 21.01 10.21
N GLU A 160 17.17 20.28 10.97
CA GLU A 160 17.11 20.49 12.40
C GLU A 160 16.79 19.17 13.05
N LYS A 161 17.15 19.06 14.32
CA LYS A 161 16.98 17.84 15.06
C LYS A 161 15.86 18.07 16.06
N TYR A 162 15.13 17.01 16.36
CA TYR A 162 14.00 17.08 17.27
C TYR A 162 13.94 15.77 18.03
N ASP A 163 13.37 15.79 19.23
CA ASP A 163 13.21 14.57 20.00
C ASP A 163 12.22 13.60 19.35
N PHE A 164 11.15 14.13 18.77
CA PHE A 164 10.24 13.28 18.00
C PHE A 164 9.49 14.06 16.93
N VAL A 165 8.78 13.34 16.06
CA VAL A 165 8.12 13.97 14.90
C VAL A 165 6.66 13.51 14.84
N ILE A 166 5.73 14.45 14.64
CA ILE A 166 4.34 14.09 14.37
C ILE A 166 4.00 14.36 12.91
N GLY A 167 3.62 13.31 12.19
CA GLY A 167 3.15 13.47 10.83
C GLY A 167 1.69 13.87 10.78
N CYS A 168 1.41 15.11 10.40
CA CYS A 168 0.04 15.48 10.12
C CYS A 168 0.01 16.02 8.72
N ASP A 169 0.76 15.35 7.86
CA ASP A 169 0.97 15.87 6.52
C ASP A 169 0.04 15.35 5.42
N GLY A 170 -1.20 15.03 5.79
CA GLY A 170 -2.25 14.74 4.82
C GLY A 170 -2.13 13.36 4.18
N ALA A 171 -3.13 13.03 3.35
CA ALA A 171 -3.24 11.74 2.66
C ALA A 171 -1.97 11.28 1.95
N TYR A 172 -1.15 12.22 1.46
CA TYR A 172 0.07 11.85 0.72
C TYR A 172 1.35 11.96 1.55
N SER A 173 1.18 11.88 2.87
CA SER A 173 2.23 12.01 3.89
C SER A 173 3.67 11.59 3.54
N ALA A 174 4.54 12.59 3.42
CA ALA A 174 5.98 12.39 3.30
C ALA A 174 6.52 11.76 4.57
N THR A 175 5.99 12.18 5.71
CA THR A 175 6.43 11.63 6.99
C THR A 175 6.18 10.10 7.05
N ARG A 176 4.99 9.69 6.60
CA ARG A 176 4.61 8.27 6.59
C ARG A 176 5.61 7.39 5.81
N SER A 177 6.03 7.86 4.63
CA SER A 177 7.00 7.14 3.80
C SER A 177 8.33 7.00 4.51
N GLN A 178 8.75 8.06 5.18
CA GLN A 178 9.99 8.04 5.93
C GLN A 178 9.93 7.03 7.05
N MET A 179 8.77 6.94 7.73
CA MET A 179 8.58 5.94 8.77
C MET A 179 8.65 4.51 8.22
N GLN A 180 8.15 4.33 7.01
CA GLN A 180 8.05 2.99 6.39
C GLN A 180 9.44 2.39 6.17
N ARG A 181 10.45 3.25 6.04
CA ARG A 181 11.84 2.82 5.89
C ARG A 181 12.46 2.36 7.23
N LYS A 182 11.79 2.68 8.33
CA LYS A 182 12.29 2.39 9.67
C LYS A 182 11.45 1.32 10.38
N VAL A 183 10.19 1.19 9.98
CA VAL A 183 9.26 0.26 10.62
C VAL A 183 8.44 -0.50 9.59
N GLU A 184 8.24 -1.80 9.81
CA GLU A 184 7.42 -2.61 8.91
C GLU A 184 5.97 -2.21 9.08
N MET A 185 5.44 -1.47 8.11
CA MET A 185 4.10 -0.96 8.23
C MET A 185 3.19 -1.64 7.22
N ASP A 186 2.13 -2.26 7.71
CA ASP A 186 1.05 -2.67 6.80
C ASP A 186 0.43 -1.36 6.31
N PHE A 187 0.20 -1.25 5.00
CA PHE A 187 -0.25 0.00 4.40
C PHE A 187 -1.12 -0.24 3.17
N SER A 188 -2.26 0.43 3.06
CA SER A 188 -3.01 0.40 1.80
C SER A 188 -3.41 1.78 1.33
N GLN A 189 -3.48 1.96 0.01
CA GLN A 189 -4.07 3.16 -0.59
C GLN A 189 -5.04 2.72 -1.67
N GLU A 190 -6.23 3.32 -1.66
CA GLU A 190 -7.28 3.00 -2.63
C GLU A 190 -7.82 4.33 -3.15
N TYR A 191 -7.77 4.52 -4.46
CA TYR A 191 -8.29 5.72 -5.11
C TYR A 191 -9.78 5.52 -5.42
N MET A 192 -10.65 6.36 -4.87
CA MET A 192 -12.09 6.19 -5.08
C MET A 192 -12.49 6.73 -6.45
N ASN A 193 -13.60 6.23 -6.97
CA ASN A 193 -14.14 6.74 -8.22
C ASN A 193 -14.76 8.15 -8.07
N LEU A 194 -15.14 8.50 -6.85
CA LEU A 194 -15.71 9.81 -6.49
C LEU A 194 -15.00 11.06 -7.01
N ARG A 195 -15.81 12.03 -7.41
CA ARG A 195 -15.36 13.41 -7.65
C ARG A 195 -16.44 14.32 -7.10
N TYR A 196 -16.05 15.51 -6.66
CA TYR A 196 -17.02 16.43 -6.08
C TYR A 196 -16.84 17.82 -6.68
N ILE A 197 -17.91 18.60 -6.65
CA ILE A 197 -17.93 19.92 -7.23
C ILE A 197 -18.67 20.84 -6.28
N GLU A 198 -18.07 21.97 -5.94
CA GLU A 198 -18.77 22.90 -5.05
C GLU A 198 -19.60 23.92 -5.81
N LEU A 199 -20.87 24.02 -5.41
CA LEU A 199 -21.78 25.02 -5.96
C LEU A 199 -22.11 26.04 -4.86
N TYR A 200 -22.92 27.05 -5.21
CA TYR A 200 -23.18 28.17 -4.32
C TYR A 200 -24.65 28.57 -4.37
N ILE A 201 -25.27 28.66 -3.21
CA ILE A 201 -26.64 29.16 -3.12
C ILE A 201 -26.52 30.52 -2.42
N PRO A 202 -26.80 31.62 -3.13
CA PRO A 202 -26.60 32.95 -2.51
C PRO A 202 -27.59 33.25 -1.40
N PRO A 203 -27.22 34.17 -0.48
CA PRO A 203 -28.18 34.65 0.52
C PRO A 203 -29.39 35.26 -0.19
N THR A 204 -30.56 35.29 0.46
CA THR A 204 -31.72 36.02 -0.05
C THR A 204 -31.49 37.53 0.11
N GLU A 205 -32.24 38.35 -0.62
CA GLU A 205 -32.13 39.80 -0.49
C GLU A 205 -32.63 40.28 0.85
N GLU A 206 -33.75 39.72 1.30
CA GLU A 206 -34.36 40.13 2.55
C GLU A 206 -34.19 39.11 3.66
N PHE A 207 -34.33 39.59 4.89
CA PHE A 207 -34.35 38.73 6.06
C PHE A 207 -35.57 37.82 5.99
N LYS A 208 -35.37 36.57 6.40
CA LYS A 208 -36.47 35.61 6.49
C LYS A 208 -36.65 35.26 7.95
N PRO A 209 -37.67 35.86 8.60
CA PRO A 209 -37.96 35.75 10.04
C PRO A 209 -38.03 34.30 10.54
N ASN A 210 -38.57 33.40 9.72
CA ASN A 210 -38.70 32.01 10.12
C ASN A 210 -37.39 31.20 10.05
N TYR A 211 -36.37 31.76 9.41
CA TYR A 211 -35.06 31.08 9.33
C TYR A 211 -34.02 31.79 10.20
N GLY A 212 -34.32 33.01 10.60
CA GLY A 212 -33.40 33.76 11.44
C GLY A 212 -32.25 34.33 10.66
N GLY A 213 -32.48 34.65 9.39
CA GLY A 213 -31.43 35.18 8.55
C GLY A 213 -31.84 35.17 7.11
N ASN A 214 -30.90 35.50 6.22
CA ASN A 214 -31.17 35.62 4.79
C ASN A 214 -30.98 34.30 4.04
N PHE A 215 -31.68 33.25 4.48
CA PHE A 215 -31.50 31.88 3.98
C PHE A 215 -32.62 31.53 2.99
N ALA A 216 -32.26 30.91 1.86
CA ALA A 216 -33.24 30.53 0.84
C ALA A 216 -33.99 29.29 1.26
N ILE A 217 -33.34 28.42 2.03
CA ILE A 217 -33.93 27.21 2.56
C ILE A 217 -33.55 27.11 4.03
N ALA A 218 -33.95 26.02 4.70
CA ALA A 218 -33.79 25.89 6.15
C ALA A 218 -32.34 25.74 6.58
N PRO A 219 -31.85 26.67 7.42
CA PRO A 219 -30.43 26.62 7.81
C PRO A 219 -30.09 25.52 8.80
N ASP A 220 -31.08 24.92 9.46
CA ASP A 220 -30.81 23.98 10.54
C ASP A 220 -30.94 22.55 10.07
N HIS A 221 -30.95 22.37 8.76
CA HIS A 221 -30.91 21.03 8.21
C HIS A 221 -29.72 20.90 7.28
N LEU A 222 -29.10 19.73 7.31
CA LEU A 222 -28.26 19.33 6.19
C LEU A 222 -29.19 18.94 5.03
N HIS A 223 -29.12 19.68 3.94
CA HIS A 223 -29.97 19.35 2.79
C HIS A 223 -29.30 18.31 1.90
N ILE A 224 -30.10 17.34 1.45
CA ILE A 224 -29.61 16.25 0.59
C ILE A 224 -30.60 15.95 -0.53
N TRP A 225 -30.08 15.82 -1.74
CA TRP A 225 -30.87 15.41 -2.89
C TRP A 225 -30.33 14.04 -3.32
N PRO A 226 -30.85 12.95 -2.75
CA PRO A 226 -30.27 11.65 -3.10
C PRO A 226 -30.80 11.15 -4.46
N ARG A 227 -29.89 10.73 -5.33
CA ARG A 227 -30.24 10.25 -6.67
C ARG A 227 -29.55 8.92 -6.91
N HIS A 228 -29.75 8.34 -8.09
CA HIS A 228 -29.18 7.04 -8.43
C HIS A 228 -27.68 7.17 -8.75
N LYS A 229 -26.84 6.76 -7.79
CA LYS A 229 -25.37 6.85 -7.89
C LYS A 229 -24.79 8.28 -7.85
N PHE A 230 -25.58 9.26 -7.44
CA PHE A 230 -25.03 10.60 -7.23
C PHE A 230 -25.90 11.41 -6.29
N MET A 231 -25.39 12.57 -5.87
CA MET A 231 -26.02 13.25 -4.75
C MET A 231 -25.66 14.71 -4.79
N LEU A 232 -26.61 15.55 -4.39
CA LEU A 232 -26.32 16.94 -4.10
C LEU A 232 -26.57 17.18 -2.62
N ILE A 233 -25.72 18.00 -1.99
CA ILE A 233 -25.94 18.41 -0.60
C ILE A 233 -25.80 19.93 -0.44
N ALA A 234 -26.24 20.47 0.69
CA ALA A 234 -26.02 21.89 1.00
C ALA A 234 -26.01 22.09 2.51
N LEU A 235 -24.99 22.83 2.97
CA LEU A 235 -24.80 23.15 4.37
C LEU A 235 -24.71 24.68 4.50
N ALA A 236 -25.41 25.25 5.46
CA ALA A 236 -25.48 26.70 5.60
C ALA A 236 -24.14 27.36 5.94
N ASN A 237 -23.97 28.58 5.42
CA ASN A 237 -22.88 29.51 5.79
C ASN A 237 -23.46 30.63 6.65
N SER A 238 -22.59 31.27 7.43
CA SER A 238 -23.03 32.33 8.33
C SER A 238 -23.80 33.48 7.70
N ASP A 239 -23.42 33.87 6.49
CA ASP A 239 -24.02 35.02 5.83
C ASP A 239 -25.35 34.75 5.11
N GLY A 240 -25.96 33.59 5.34
CA GLY A 240 -27.22 33.32 4.68
C GLY A 240 -27.11 32.46 3.43
N SER A 241 -25.93 32.42 2.84
CA SER A 241 -25.67 31.52 1.71
C SER A 241 -25.55 30.07 2.17
N PHE A 242 -25.52 29.15 1.22
CA PHE A 242 -25.18 27.76 1.50
C PHE A 242 -24.04 27.32 0.61
N THR A 243 -23.15 26.50 1.17
CA THR A 243 -22.16 25.81 0.39
C THR A 243 -22.83 24.51 -0.08
N SER A 244 -23.00 24.35 -1.38
CA SER A 244 -23.63 23.16 -1.93
C SER A 244 -22.55 22.32 -2.59
N THR A 245 -22.68 20.99 -2.52
CA THR A 245 -21.66 20.12 -3.11
C THR A 245 -22.32 19.01 -3.90
N PHE A 246 -21.85 18.81 -5.12
CA PHE A 246 -22.33 17.66 -5.89
C PHE A 246 -21.31 16.54 -5.84
N PHE A 247 -21.77 15.31 -5.72
CA PHE A 247 -20.89 14.15 -5.59
C PHE A 247 -21.32 13.07 -6.60
N GLY A 248 -20.42 12.57 -7.43
CA GLY A 248 -20.69 11.41 -8.28
C GLY A 248 -19.43 10.82 -8.84
N SER A 249 -19.57 9.76 -9.67
CA SER A 249 -18.39 9.12 -10.25
C SER A 249 -17.72 10.07 -11.24
N LYS A 250 -16.43 9.84 -11.46
CA LYS A 250 -15.66 10.65 -12.38
C LYS A 250 -16.17 10.52 -13.81
N ASP A 251 -16.66 9.33 -14.17
CA ASP A 251 -17.08 9.07 -15.54
C ASP A 251 -18.36 9.81 -15.88
N GLN A 252 -19.31 9.78 -14.94
CA GLN A 252 -20.49 10.62 -15.09
C GLN A 252 -20.12 12.07 -15.30
N ILE A 253 -19.25 12.59 -14.44
CA ILE A 253 -18.88 13.99 -14.53
C ILE A 253 -18.13 14.33 -15.82
N SER A 254 -17.08 13.57 -16.14
CA SER A 254 -16.36 13.71 -17.41
C SER A 254 -17.30 13.66 -18.61
N ASP A 255 -18.36 12.87 -18.51
CA ASP A 255 -19.33 12.74 -19.59
C ASP A 255 -20.22 13.98 -19.72
N LEU A 256 -20.46 14.67 -18.60
CA LEU A 256 -21.37 15.81 -18.60
C LEU A 256 -20.69 17.08 -19.10
N ILE A 257 -19.47 17.33 -18.64
CA ILE A 257 -18.82 18.62 -18.84
C ILE A 257 -18.28 18.86 -20.26
N THR A 258 -18.60 17.95 -21.17
CA THR A 258 -18.22 18.13 -22.58
C THR A 258 -19.05 19.25 -23.23
N SER A 259 -20.19 19.58 -22.66
CA SER A 259 -20.98 20.70 -23.16
C SER A 259 -21.82 21.40 -22.08
N LYS A 260 -21.85 22.73 -22.14
CA LYS A 260 -22.59 23.52 -21.15
C LYS A 260 -24.09 23.20 -21.10
N SER A 261 -24.69 22.91 -22.25
CA SER A 261 -26.13 22.64 -22.24
C SER A 261 -26.43 21.24 -21.69
N ARG A 262 -25.48 20.33 -21.77
CA ARG A 262 -25.67 19.01 -21.17
C ARG A 262 -25.66 19.10 -19.62
N VAL A 263 -24.69 19.83 -19.07
CA VAL A 263 -24.66 20.15 -17.64
C VAL A 263 -25.98 20.78 -17.15
N ARG A 264 -26.40 21.85 -17.83
CA ARG A 264 -27.62 22.58 -17.48
C ARG A 264 -28.85 21.68 -17.43
N GLU A 265 -29.07 20.90 -18.50
CA GLU A 265 -30.23 20.04 -18.56
C GLU A 265 -30.19 18.96 -17.47
N PHE A 266 -29.00 18.43 -17.21
CA PHE A 266 -28.79 17.49 -16.12
C PHE A 266 -29.18 18.11 -14.76
N LEU A 267 -28.73 19.35 -14.53
CA LEU A 267 -29.09 20.07 -13.30
C LEU A 267 -30.59 20.32 -13.19
N ILE A 268 -31.23 20.76 -14.27
CA ILE A 268 -32.68 20.97 -14.23
C ILE A 268 -33.50 19.69 -14.01
N GLU A 269 -33.12 18.61 -14.69
CA GLU A 269 -33.82 17.34 -14.60
C GLU A 269 -33.75 16.70 -13.20
N ASN A 270 -32.56 16.65 -12.63
CA ASN A 270 -32.44 16.26 -11.24
C ASN A 270 -32.53 17.61 -10.54
N PHE A 271 -32.71 17.69 -9.24
CA PHE A 271 -32.71 19.03 -8.59
C PHE A 271 -33.50 20.20 -9.22
N PRO A 272 -34.76 19.96 -9.67
CA PRO A 272 -35.50 21.09 -10.21
C PRO A 272 -35.79 22.22 -9.19
N ASP A 273 -35.79 21.93 -7.90
CA ASP A 273 -36.06 22.99 -6.93
C ASP A 273 -34.87 23.92 -6.67
N ILE A 274 -33.76 23.63 -7.33
CA ILE A 274 -32.53 24.39 -7.16
C ILE A 274 -32.49 25.67 -8.01
N ILE A 275 -33.24 25.72 -9.10
CA ILE A 275 -33.25 26.93 -9.94
C ILE A 275 -33.90 28.14 -9.24
N ASN A 276 -34.81 27.86 -8.30
CA ASN A 276 -35.45 28.92 -7.52
C ASN A 276 -34.48 29.67 -6.61
N ILE A 277 -33.30 29.08 -6.37
CA ILE A 277 -32.41 29.58 -5.34
C ILE A 277 -30.97 29.69 -5.84
N MET A 278 -30.72 29.27 -7.07
CA MET A 278 -29.36 29.24 -7.60
C MET A 278 -29.35 29.77 -9.04
N ASP A 279 -28.27 30.45 -9.42
CA ASP A 279 -28.12 30.89 -10.80
C ASP A 279 -27.57 29.73 -11.61
N LEU A 280 -28.37 29.24 -12.55
CA LEU A 280 -27.96 28.09 -13.36
C LEU A 280 -26.69 28.32 -14.18
N ASP A 281 -26.54 29.51 -14.76
CA ASP A 281 -25.36 29.78 -15.58
C ASP A 281 -24.08 29.74 -14.74
N ASP A 282 -24.15 30.29 -13.54
CA ASP A 282 -23.00 30.21 -12.66
C ASP A 282 -22.78 28.77 -12.18
N ALA A 283 -23.88 28.02 -12.01
CA ALA A 283 -23.76 26.61 -11.64
C ALA A 283 -23.04 25.82 -12.74
N VAL A 284 -23.44 26.02 -14.00
CA VAL A 284 -22.81 25.33 -15.13
C VAL A 284 -21.32 25.64 -15.25
N LYS A 285 -20.96 26.90 -15.10
CA LYS A 285 -19.56 27.30 -15.18
C LYS A 285 -18.75 26.68 -14.04
N ARG A 286 -19.27 26.75 -12.80
CA ARG A 286 -18.57 26.13 -11.66
C ARG A 286 -18.37 24.64 -11.87
N PHE A 287 -19.44 23.97 -12.29
CA PHE A 287 -19.41 22.55 -12.58
C PHE A 287 -18.30 22.19 -13.55
N ILE A 288 -18.22 22.92 -14.65
CA ILE A 288 -17.26 22.61 -15.71
C ILE A 288 -15.81 22.91 -15.31
N THR A 289 -15.61 23.92 -14.48
CA THR A 289 -14.27 24.40 -14.17
C THR A 289 -13.72 24.05 -12.78
N TYR A 290 -14.58 23.62 -11.86
CA TYR A 290 -14.11 23.25 -10.52
C TYR A 290 -13.00 22.20 -10.64
N PRO A 291 -11.87 22.41 -9.95
CA PRO A 291 -10.70 21.54 -10.06
C PRO A 291 -11.06 20.09 -9.77
N LYS A 292 -10.54 19.18 -10.59
CA LYS A 292 -10.73 17.75 -10.38
C LYS A 292 -9.69 17.27 -9.38
N GLU A 293 -10.14 16.70 -8.27
CA GLU A 293 -9.22 16.27 -7.22
C GLU A 293 -9.32 14.76 -6.98
N SER A 294 -8.18 14.07 -7.02
CA SER A 294 -8.13 12.67 -6.64
C SER A 294 -8.46 12.48 -5.16
N LEU A 295 -9.29 11.48 -4.85
CA LEU A 295 -9.56 11.14 -3.46
C LEU A 295 -8.99 9.75 -3.13
N VAL A 296 -8.00 9.70 -2.26
CA VAL A 296 -7.38 8.43 -1.86
C VAL A 296 -7.77 8.09 -0.42
N CYS A 297 -8.00 6.81 -0.17
CA CYS A 297 -8.23 6.30 1.17
C CYS A 297 -7.06 5.47 1.64
N VAL A 298 -6.57 5.73 2.87
CA VAL A 298 -5.44 4.97 3.39
C VAL A 298 -5.71 4.37 4.76
N ASN A 299 -4.97 3.29 5.04
CA ASN A 299 -4.87 2.67 6.35
C ASN A 299 -3.42 2.31 6.64
N CYS A 300 -3.01 2.43 7.90
CA CYS A 300 -1.65 2.09 8.30
C CYS A 300 -1.74 1.22 9.53
N LYS A 301 -0.69 0.42 9.74
CA LYS A 301 -0.44 -0.24 11.03
C LYS A 301 1.01 -0.66 11.07
N PRO A 302 1.76 -0.21 12.10
CA PRO A 302 1.33 0.65 13.19
C PRO A 302 1.36 2.14 12.79
N TYR A 303 0.96 3.03 13.69
CA TYR A 303 0.97 4.47 13.42
C TYR A 303 2.20 5.17 13.96
N ASP A 304 3.02 4.40 14.67
CA ASP A 304 4.16 4.95 15.40
C ASP A 304 5.49 4.30 15.05
N VAL A 305 6.57 5.03 15.24
CA VAL A 305 7.91 4.44 15.21
C VAL A 305 8.28 4.07 16.64
N PRO A 306 8.67 2.80 16.88
CA PRO A 306 8.81 2.11 18.18
C PRO A 306 9.41 2.85 19.40
N GLY A 307 10.45 3.65 19.22
CA GLY A 307 11.04 4.30 20.37
C GLY A 307 10.31 5.58 20.81
N GLY A 308 9.01 5.67 20.53
CA GLY A 308 8.28 6.91 20.71
C GLY A 308 8.83 8.03 19.85
N LYS A 309 9.44 7.66 18.73
CA LYS A 309 10.14 8.62 17.87
C LYS A 309 9.25 9.39 16.88
N ALA A 310 8.09 8.84 16.55
CA ALA A 310 7.20 9.49 15.60
C ALA A 310 5.80 8.88 15.66
N ILE A 311 4.82 9.62 15.16
CA ILE A 311 3.44 9.14 15.11
C ILE A 311 2.63 9.90 14.05
N LEU A 312 1.62 9.22 13.49
CA LEU A 312 0.82 9.74 12.39
C LEU A 312 -0.60 10.04 12.86
N LEU A 313 -1.10 11.23 12.58
CA LEU A 313 -2.46 11.61 12.98
C LEU A 313 -3.21 12.19 11.78
N GLY A 314 -4.54 12.21 11.84
CA GLY A 314 -5.32 12.77 10.73
C GLY A 314 -5.26 11.96 9.44
N ASP A 315 -5.37 12.64 8.29
CA ASP A 315 -5.38 11.99 6.98
C ASP A 315 -4.09 11.24 6.68
N ALA A 316 -2.98 11.67 7.30
CA ALA A 316 -1.70 10.98 7.12
C ALA A 316 -1.79 9.50 7.56
N ALA A 317 -2.62 9.25 8.56
CA ALA A 317 -2.82 7.91 9.12
C ALA A 317 -4.01 7.18 8.51
N HIS A 318 -5.11 7.90 8.27
CA HIS A 318 -6.38 7.24 7.94
C HIS A 318 -7.33 8.01 6.99
N ALA A 319 -6.78 8.69 6.00
CA ALA A 319 -7.59 9.46 5.04
C ALA A 319 -8.77 8.61 4.55
N MET A 320 -9.98 9.17 4.64
CA MET A 320 -11.18 8.42 4.28
C MET A 320 -12.12 9.12 3.29
N VAL A 321 -13.17 8.39 2.89
CA VAL A 321 -14.13 8.90 1.92
C VAL A 321 -14.86 10.10 2.50
N PRO A 322 -14.82 11.24 1.79
CA PRO A 322 -15.60 12.41 2.19
C PRO A 322 -17.10 12.12 2.22
N PHE A 323 -17.81 12.96 2.97
CA PHE A 323 -19.24 12.84 3.26
C PHE A 323 -19.67 11.57 3.99
N TYR A 324 -19.24 10.42 3.47
CA TYR A 324 -19.55 9.16 4.15
C TYR A 324 -18.64 8.93 5.35
N GLY A 325 -17.50 9.60 5.38
CA GLY A 325 -16.60 9.56 6.52
C GLY A 325 -16.40 10.98 7.02
N GLN A 326 -15.86 11.14 8.22
CA GLN A 326 -15.60 12.49 8.74
C GLN A 326 -14.15 12.65 9.18
N GLY A 327 -13.30 12.96 8.22
CA GLY A 327 -11.87 12.97 8.44
C GLY A 327 -11.42 13.94 9.52
N MET A 328 -11.94 15.17 9.48
CA MET A 328 -11.54 16.20 10.47
C MET A 328 -11.90 15.76 11.90
N ASN A 329 -13.18 15.42 12.11
CA ASN A 329 -13.65 14.94 13.40
C ASN A 329 -12.81 13.77 13.93
N CYS A 330 -12.51 12.81 13.07
CA CYS A 330 -11.63 11.69 13.44
C CYS A 330 -10.22 12.12 13.78
N GLY A 331 -9.67 13.06 13.01
CA GLY A 331 -8.35 13.60 13.30
C GLY A 331 -8.31 14.38 14.61
N PHE A 332 -9.38 15.12 14.92
CA PHE A 332 -9.43 15.84 16.20
C PHE A 332 -9.43 14.82 17.34
N GLU A 333 -10.30 13.83 17.24
CA GLU A 333 -10.36 12.71 18.19
C GLU A 333 -9.01 12.00 18.35
N ASP A 334 -8.24 11.87 17.26
CA ASP A 334 -6.86 11.35 17.32
C ASP A 334 -6.03 12.14 18.35
N VAL A 335 -6.07 13.47 18.24
CA VAL A 335 -5.28 14.32 19.12
C VAL A 335 -5.72 14.20 20.57
N ARG A 336 -7.02 14.25 20.82
CA ARG A 336 -7.52 14.11 22.17
C ARG A 336 -7.08 12.77 22.78
N ILE A 337 -7.17 11.70 22.01
CA ILE A 337 -6.79 10.37 22.49
C ILE A 337 -5.28 10.27 22.80
N LEU A 338 -4.45 10.86 21.95
CA LEU A 338 -3.01 10.80 22.20
C LEU A 338 -2.58 11.58 23.46
N MET A 339 -3.17 12.74 23.71
CA MET A 339 -2.75 13.57 24.84
C MET A 339 -3.15 12.95 26.18
N ALA A 340 -4.28 12.23 26.18
CA ALA A 340 -4.73 11.52 27.36
C ALA A 340 -3.79 10.34 27.65
N LEU A 341 -3.27 9.72 26.59
CA LEU A 341 -2.34 8.62 26.74
C LEU A 341 -0.98 9.08 27.23
N LEU A 342 -0.57 10.28 26.81
CA LEU A 342 0.67 10.88 27.31
C LEU A 342 0.53 11.28 28.77
N LYS A 343 -0.63 11.84 29.12
CA LYS A 343 -0.92 12.22 30.49
C LYS A 343 -0.97 10.99 31.38
N LYS A 344 -1.58 9.92 30.88
CA LYS A 344 -1.72 8.68 31.62
C LYS A 344 -0.37 8.02 31.89
N HIS A 345 0.54 8.11 30.93
CA HIS A 345 1.84 7.48 31.06
C HIS A 345 2.91 8.48 31.47
N SER A 346 2.49 9.58 32.10
CA SER A 346 3.42 10.56 32.65
C SER A 346 4.45 11.05 31.62
N GLY A 347 4.05 11.15 30.37
CA GLY A 347 4.90 11.72 29.34
C GLY A 347 5.80 10.71 28.67
N ASP A 348 5.58 9.44 28.96
CA ASP A 348 6.39 8.38 28.34
C ASP A 348 5.92 8.05 26.92
N ARG A 349 6.65 8.60 25.95
CA ARG A 349 6.26 8.50 24.55
C ARG A 349 6.23 7.07 24.05
N SER A 350 7.30 6.31 24.34
CA SER A 350 7.42 4.93 23.90
C SER A 350 6.16 4.12 24.23
N ARG A 351 5.75 4.17 25.48
CA ARG A 351 4.55 3.47 25.90
C ARG A 351 3.28 4.09 25.34
N ALA A 352 3.22 5.42 25.33
CA ALA A 352 2.02 6.11 24.88
C ALA A 352 1.73 5.86 23.40
N PHE A 353 2.76 5.94 22.56
CA PHE A 353 2.59 5.77 21.13
C PHE A 353 2.20 4.34 20.83
N THR A 354 2.84 3.40 21.53
CA THR A 354 2.56 1.97 21.38
C THR A 354 1.12 1.65 21.74
N GLU A 355 0.64 2.16 22.87
CA GLU A 355 -0.75 1.94 23.24
C GLU A 355 -1.74 2.61 22.26
N TYR A 356 -1.37 3.79 21.74
CA TYR A 356 -2.21 4.47 20.74
C TYR A 356 -2.48 3.54 19.55
N THR A 357 -1.42 3.00 18.97
CA THR A 357 -1.58 2.03 17.88
C THR A 357 -2.43 0.80 18.26
N GLN A 358 -2.23 0.28 19.47
CA GLN A 358 -2.94 -0.93 19.89
C GLN A 358 -4.42 -0.66 20.11
N THR A 359 -4.75 0.51 20.64
CA THR A 359 -6.16 0.80 20.92
C THR A 359 -6.92 1.51 19.76
N ARG A 360 -6.20 2.30 18.96
CA ARG A 360 -6.84 3.13 17.93
C ARG A 360 -7.11 2.38 16.63
N HIS A 361 -6.17 1.52 16.24
CA HIS A 361 -6.26 0.84 14.94
C HIS A 361 -7.61 0.18 14.67
N LYS A 362 -8.12 -0.59 15.64
CA LYS A 362 -9.40 -1.29 15.46
C LYS A 362 -10.58 -0.33 15.28
N ASP A 363 -10.57 0.77 16.01
CA ASP A 363 -11.63 1.75 15.85
C ASP A 363 -11.57 2.39 14.46
N LEU A 364 -10.35 2.66 13.99
CA LEU A 364 -10.17 3.33 12.70
C LEU A 364 -10.41 2.43 11.50
N VAL A 365 -10.02 1.16 11.61
CA VAL A 365 -10.34 0.20 10.55
C VAL A 365 -11.84 0.19 10.36
N SER A 366 -12.58 0.19 11.46
CA SER A 366 -14.04 0.15 11.44
C SER A 366 -14.69 1.43 10.88
N ILE A 367 -14.30 2.59 11.38
CA ILE A 367 -14.84 3.85 10.87
C ILE A 367 -14.59 3.98 9.36
N THR A 368 -13.36 3.69 8.93
CA THR A 368 -12.99 3.81 7.52
C THR A 368 -13.62 2.76 6.60
N GLU A 369 -13.80 1.54 7.09
CA GLU A 369 -14.46 0.50 6.29
C GLU A 369 -15.95 0.81 6.15
N LEU A 370 -16.55 1.29 7.23
CA LEU A 370 -17.95 1.68 7.19
C LEU A 370 -18.19 2.82 6.18
N ALA A 371 -17.28 3.80 6.14
CA ALA A 371 -17.41 4.90 5.20
C ALA A 371 -17.27 4.39 3.77
N LYS A 372 -16.30 3.50 3.55
CA LYS A 372 -16.14 2.88 2.23
C LYS A 372 -17.39 2.08 1.84
N ARG A 373 -17.96 1.38 2.80
CA ARG A 373 -19.09 0.51 2.53
C ARG A 373 -20.34 1.33 2.20
N ASN A 374 -20.60 2.36 3.00
CA ASN A 374 -21.72 3.26 2.74
C ASN A 374 -21.61 3.96 1.38
N TYR A 375 -20.39 4.28 0.99
CA TYR A 375 -20.17 4.88 -0.31
C TYR A 375 -20.36 3.87 -1.43
N LYS A 376 -19.76 2.69 -1.27
CA LYS A 376 -19.85 1.62 -2.25
C LYS A 376 -21.31 1.34 -2.62
N GLU A 377 -22.17 1.32 -1.61
CA GLU A 377 -23.57 1.00 -1.81
C GLU A 377 -24.28 2.08 -2.60
N MET A 378 -24.01 3.34 -2.27
CA MET A 378 -24.57 4.44 -3.03
C MET A 378 -24.10 4.33 -4.48
N SER A 379 -22.80 4.14 -4.69
CA SER A 379 -22.25 4.18 -6.04
C SER A 379 -22.59 2.96 -6.93
N HIS A 380 -23.12 1.90 -6.33
CA HIS A 380 -23.50 0.68 -7.09
C HIS A 380 -24.99 0.37 -7.09
N MET B 1 15.97 2.68 -35.30
CA MET B 1 14.94 3.26 -36.17
C MET B 1 13.65 2.43 -36.27
N MET B 2 13.79 1.12 -36.47
CA MET B 2 12.65 0.25 -36.72
C MET B 2 12.26 -0.54 -35.47
N SER B 3 13.26 -0.78 -34.63
CA SER B 3 13.08 -1.52 -33.39
C SER B 3 12.78 -0.57 -32.25
N GLU B 4 11.97 -1.03 -31.30
CA GLU B 4 11.71 -0.25 -30.09
C GLU B 4 12.67 -0.72 -29.00
N SER B 5 12.96 0.16 -28.06
CA SER B 5 13.89 -0.16 -26.98
C SER B 5 13.15 -0.32 -25.66
N VAL B 6 13.64 -1.23 -24.81
CA VAL B 6 13.02 -1.49 -23.52
C VAL B 6 14.04 -1.69 -22.41
N ALA B 7 13.81 -1.00 -21.29
CA ALA B 7 14.59 -1.21 -20.07
C ALA B 7 13.83 -2.21 -19.18
N ILE B 8 14.51 -3.27 -18.75
CA ILE B 8 13.93 -4.21 -17.79
C ILE B 8 14.67 -4.07 -16.48
N ILE B 9 13.96 -3.71 -15.42
CA ILE B 9 14.61 -3.44 -14.15
C ILE B 9 14.50 -4.69 -13.29
N GLY B 10 15.63 -5.33 -13.00
CA GLY B 10 15.68 -6.49 -12.14
C GLY B 10 16.07 -7.73 -12.91
N ALA B 11 17.16 -8.38 -12.50
CA ALA B 11 17.62 -9.59 -13.16
C ALA B 11 17.50 -10.84 -12.29
N GLY B 12 16.38 -10.96 -11.58
CA GLY B 12 16.04 -12.22 -10.96
C GLY B 12 15.41 -13.13 -12.00
N LEU B 13 14.66 -14.13 -11.56
CA LEU B 13 14.07 -15.13 -12.46
C LEU B 13 13.07 -14.50 -13.42
N VAL B 14 12.17 -13.68 -12.90
CA VAL B 14 11.15 -13.08 -13.76
C VAL B 14 11.78 -12.10 -14.77
N GLY B 15 12.62 -11.19 -14.28
CA GLY B 15 13.35 -10.28 -15.14
C GLY B 15 14.13 -10.97 -16.26
N CYS B 16 14.86 -12.05 -15.94
CA CYS B 16 15.61 -12.74 -17.00
C CYS B 16 14.69 -13.35 -18.06
N LEU B 17 13.57 -13.93 -17.63
CA LEU B 17 12.63 -14.52 -18.57
C LEU B 17 11.94 -13.47 -19.46
N ALA B 18 11.57 -12.35 -18.86
CA ALA B 18 10.99 -11.26 -19.64
C ALA B 18 12.02 -10.74 -20.65
N ALA B 19 13.27 -10.61 -20.21
CA ALA B 19 14.36 -10.24 -21.11
C ALA B 19 14.49 -11.21 -22.28
N LEU B 20 14.37 -12.49 -22.00
CA LEU B 20 14.44 -13.51 -23.04
C LEU B 20 13.24 -13.39 -23.98
N ALA B 21 12.04 -13.23 -23.42
CA ALA B 21 10.83 -13.09 -24.21
C ALA B 21 10.88 -11.87 -25.15
N PHE B 22 11.21 -10.70 -24.60
CA PHE B 22 11.23 -9.49 -25.41
C PHE B 22 12.35 -9.46 -26.45
N SER B 23 13.53 -9.96 -26.07
CA SER B 23 14.65 -10.11 -27.00
C SER B 23 14.30 -11.02 -28.18
N LYS B 24 13.66 -12.15 -27.90
CA LYS B 24 13.23 -13.08 -28.96
C LYS B 24 12.30 -12.43 -29.96
N GLU B 25 11.46 -11.52 -29.48
CA GLU B 25 10.45 -10.91 -30.33
C GLU B 25 10.97 -9.72 -31.11
N GLY B 26 12.25 -9.38 -30.94
CA GLY B 26 12.85 -8.32 -31.75
C GLY B 26 13.05 -6.95 -31.12
N TYR B 27 12.73 -6.82 -29.83
CA TYR B 27 12.94 -5.55 -29.13
C TYR B 27 14.42 -5.38 -28.76
N ASN B 28 14.90 -4.14 -28.70
CA ASN B 28 16.23 -3.90 -28.16
C ASN B 28 16.20 -3.84 -26.63
N VAL B 29 16.59 -4.94 -25.99
CA VAL B 29 16.49 -5.09 -24.55
C VAL B 29 17.76 -4.69 -23.78
N THR B 30 17.56 -3.93 -22.71
CA THR B 30 18.63 -3.66 -21.76
C THR B 30 18.13 -4.06 -20.37
N LEU B 31 18.86 -4.96 -19.73
CA LEU B 31 18.48 -5.54 -18.44
C LEU B 31 19.38 -5.02 -17.32
N TYR B 32 18.79 -4.33 -16.35
CA TYR B 32 19.53 -3.71 -15.25
C TYR B 32 19.30 -4.44 -13.92
N ASP B 33 20.34 -4.46 -13.07
CA ASP B 33 20.18 -4.93 -11.69
C ASP B 33 21.24 -4.26 -10.82
N PHE B 34 20.84 -3.77 -9.64
CA PHE B 34 21.81 -3.10 -8.76
C PHE B 34 22.83 -4.06 -8.16
N ARG B 35 22.55 -5.36 -8.24
CA ARG B 35 23.45 -6.35 -7.68
C ARG B 35 24.51 -6.69 -8.70
N GLN B 36 25.51 -7.46 -8.26
CA GLN B 36 26.56 -7.94 -9.13
C GLN B 36 26.10 -9.17 -9.89
N ASP B 37 26.82 -9.51 -10.96
CA ASP B 37 26.53 -10.70 -11.74
C ASP B 37 26.70 -11.95 -10.87
N PRO B 38 25.58 -12.64 -10.56
CA PRO B 38 25.57 -13.77 -9.63
C PRO B 38 26.47 -14.92 -10.09
N ARG B 39 26.88 -14.90 -11.35
CA ARG B 39 27.79 -15.94 -11.86
C ARG B 39 29.22 -15.69 -11.41
N LEU B 40 29.46 -14.53 -10.80
CA LEU B 40 30.78 -14.19 -10.26
C LEU B 40 30.87 -14.59 -8.79
N ASP B 41 31.89 -15.37 -8.45
CA ASP B 41 32.03 -15.81 -7.05
C ASP B 41 32.67 -14.75 -6.16
N THR B 42 32.97 -13.59 -6.76
CA THR B 42 33.44 -12.44 -6.00
C THR B 42 32.26 -11.65 -5.41
N THR B 43 31.07 -11.95 -5.91
CA THR B 43 29.83 -11.41 -5.34
C THR B 43 29.51 -12.19 -4.08
N LYS B 44 29.50 -11.50 -2.95
CA LYS B 44 29.33 -12.14 -1.65
C LYS B 44 27.87 -12.56 -1.35
N ASN B 45 26.93 -11.66 -1.60
CA ASN B 45 25.51 -11.99 -1.41
C ASN B 45 24.83 -12.39 -2.72
N LYS B 46 24.40 -13.65 -2.79
CA LYS B 46 23.78 -14.20 -3.99
C LYS B 46 22.28 -13.88 -4.11
N ASN B 47 21.74 -13.19 -3.11
CA ASN B 47 20.30 -12.87 -3.04
C ASN B 47 19.42 -14.08 -3.38
N LEU B 48 19.68 -15.20 -2.72
CA LEU B 48 18.96 -16.44 -2.97
C LEU B 48 18.01 -16.73 -1.82
N LYS B 49 16.70 -16.59 -2.06
CA LYS B 49 15.70 -16.81 -1.03
C LYS B 49 15.56 -18.28 -0.65
N SER B 50 15.92 -19.20 -1.56
CA SER B 50 15.89 -20.63 -1.29
C SER B 50 16.91 -21.35 -2.19
N ILE B 51 17.33 -22.55 -1.78
CA ILE B 51 18.31 -23.28 -2.58
C ILE B 51 17.66 -23.83 -3.85
N ASN B 52 16.46 -24.38 -3.71
CA ASN B 52 15.78 -24.92 -4.88
C ASN B 52 14.33 -24.46 -4.93
N LEU B 53 13.63 -24.81 -6.01
CA LEU B 53 12.22 -24.50 -6.07
C LEU B 53 11.38 -25.53 -6.78
N ALA B 54 10.08 -25.49 -6.51
CA ALA B 54 9.11 -26.29 -7.23
C ALA B 54 8.61 -25.54 -8.48
N ILE B 55 8.93 -26.05 -9.67
CA ILE B 55 8.44 -25.47 -10.92
C ILE B 55 7.32 -26.33 -11.47
N SER B 56 6.20 -25.68 -11.72
CA SER B 56 4.98 -26.35 -12.10
C SER B 56 4.94 -26.55 -13.60
N ALA B 57 3.95 -27.29 -14.06
CA ALA B 57 3.68 -27.42 -15.49
C ALA B 57 3.51 -26.04 -16.16
N ARG B 58 2.74 -25.14 -15.53
CA ARG B 58 2.56 -23.78 -16.05
C ARG B 58 3.89 -23.03 -16.20
N GLY B 59 4.72 -23.14 -15.19
CA GLY B 59 6.04 -22.54 -15.20
C GLY B 59 6.87 -23.07 -16.34
N ILE B 60 6.91 -24.40 -16.49
CA ILE B 60 7.66 -25.01 -17.59
C ILE B 60 7.15 -24.58 -18.97
N ASP B 61 5.83 -24.61 -19.16
CA ASP B 61 5.24 -24.29 -20.46
C ASP B 61 5.48 -22.84 -20.87
N ALA B 62 5.56 -21.95 -19.89
CA ALA B 62 5.83 -20.54 -20.18
C ALA B 62 7.27 -20.39 -20.65
N LEU B 63 8.18 -21.09 -19.99
CA LEU B 63 9.57 -21.11 -20.43
C LEU B 63 9.67 -21.78 -21.82
N LYS B 64 8.70 -22.64 -22.12
CA LYS B 64 8.63 -23.33 -23.41
C LYS B 64 8.08 -22.46 -24.55
N SER B 65 7.02 -21.70 -24.26
CA SER B 65 6.46 -20.82 -25.28
C SER B 65 7.50 -19.81 -25.75
N ILE B 66 8.41 -19.45 -24.86
CA ILE B 66 9.38 -18.41 -25.15
C ILE B 66 10.59 -18.94 -25.91
N ASP B 67 11.18 -20.01 -25.41
CA ASP B 67 12.34 -20.62 -26.04
C ASP B 67 12.28 -22.15 -25.91
N PRO B 68 11.63 -22.81 -26.88
CA PRO B 68 11.42 -24.27 -26.87
C PRO B 68 12.70 -25.08 -26.70
N ASP B 69 13.85 -24.50 -27.03
CA ASP B 69 15.12 -25.13 -26.65
C ASP B 69 15.47 -24.76 -25.21
N ALA B 70 14.50 -24.97 -24.32
CA ALA B 70 14.65 -24.84 -22.87
C ALA B 70 14.79 -26.25 -22.35
N CYS B 71 15.02 -27.16 -23.28
CA CYS B 71 15.31 -28.55 -22.95
C CYS B 71 16.60 -28.56 -22.17
N GLU B 72 17.53 -27.69 -22.56
CA GLU B 72 18.88 -27.72 -22.02
C GLU B 72 18.99 -27.32 -20.55
N HIS B 73 18.39 -26.19 -20.17
CA HIS B 73 18.62 -25.67 -18.83
C HIS B 73 17.59 -26.14 -17.80
N ILE B 74 16.56 -26.81 -18.29
CA ILE B 74 15.56 -27.45 -17.45
C ILE B 74 15.94 -28.94 -17.53
N LEU B 75 15.22 -29.82 -16.82
CA LEU B 75 15.21 -31.27 -17.09
C LEU B 75 16.58 -31.97 -17.16
N GLN B 76 17.58 -31.28 -17.70
CA GLN B 76 18.96 -31.74 -17.65
C GLN B 76 19.25 -32.20 -16.22
N ASP B 77 18.65 -31.50 -15.26
CA ASP B 77 18.81 -31.86 -13.86
C ASP B 77 17.51 -31.73 -13.05
N MET B 78 16.45 -31.21 -13.67
CA MET B 78 15.19 -31.04 -12.95
C MET B 78 14.64 -32.41 -12.50
N ILE B 79 14.04 -32.46 -11.31
CA ILE B 79 13.55 -33.74 -10.80
C ILE B 79 12.03 -33.76 -10.70
N PRO B 80 11.38 -34.55 -11.54
CA PRO B 80 9.91 -34.58 -11.49
C PRO B 80 9.41 -35.25 -10.22
N MET B 81 8.33 -34.69 -9.66
CA MET B 81 7.68 -35.28 -8.50
C MET B 81 6.39 -35.92 -8.98
N LYS B 82 6.02 -37.05 -8.39
CA LYS B 82 4.77 -37.71 -8.78
C LYS B 82 3.72 -37.50 -7.71
N GLY B 83 4.13 -36.93 -6.57
CA GLY B 83 3.19 -36.69 -5.50
C GLY B 83 3.79 -36.02 -4.29
N ARG B 84 2.98 -35.91 -3.26
CA ARG B 84 3.40 -35.40 -1.97
C ARG B 84 3.43 -36.58 -1.02
N MET B 85 4.41 -36.59 -0.12
CA MET B 85 4.49 -37.66 0.86
C MET B 85 4.27 -37.06 2.24
N ILE B 86 3.18 -37.47 2.88
CA ILE B 86 2.79 -36.91 4.17
C ILE B 86 3.36 -37.71 5.34
N HIS B 87 4.09 -37.03 6.22
CA HIS B 87 4.65 -37.67 7.42
C HIS B 87 3.90 -37.25 8.65
N ASP B 88 3.28 -38.20 9.34
CA ASP B 88 2.60 -37.84 10.57
C ASP B 88 3.50 -37.88 11.79
N LEU B 89 2.92 -37.65 12.97
CA LEU B 89 3.70 -37.57 14.21
C LEU B 89 4.35 -38.90 14.60
N LYS B 90 3.92 -39.99 13.96
CA LYS B 90 4.46 -41.31 14.29
C LYS B 90 5.46 -41.80 13.24
N GLY B 91 5.77 -40.96 12.25
CA GLY B 91 6.66 -41.37 11.20
C GLY B 91 5.98 -42.14 10.08
N ARG B 92 4.66 -42.29 10.16
CA ARG B 92 3.91 -42.85 9.05
C ARG B 92 4.01 -41.93 7.83
N GLN B 93 4.45 -42.49 6.70
CA GLN B 93 4.52 -41.75 5.45
C GLN B 93 3.43 -42.24 4.52
N GLU B 94 2.68 -41.32 3.96
CA GLU B 94 1.63 -41.70 3.04
C GLU B 94 1.73 -40.92 1.75
N SER B 95 1.67 -41.65 0.64
CA SER B 95 1.85 -41.10 -0.68
C SER B 95 0.50 -40.62 -1.21
N GLN B 96 0.43 -39.35 -1.57
CA GLN B 96 -0.74 -38.82 -2.23
C GLN B 96 -0.31 -38.33 -3.61
N LEU B 97 -0.62 -39.14 -4.63
CA LEU B 97 -0.27 -38.83 -6.01
C LEU B 97 -1.00 -37.62 -6.57
N TYR B 98 -0.27 -36.80 -7.34
CA TYR B 98 -0.89 -35.71 -8.08
C TYR B 98 -1.93 -36.29 -9.02
N GLY B 99 -3.15 -35.76 -8.97
CA GLY B 99 -4.22 -36.25 -9.81
C GLY B 99 -4.76 -35.16 -10.71
N LEU B 100 -6.07 -35.21 -10.95
CA LEU B 100 -6.75 -34.19 -11.75
C LEU B 100 -6.88 -32.90 -10.94
N HIS B 101 -6.60 -33.00 -9.64
CA HIS B 101 -6.70 -31.85 -8.71
C HIS B 101 -5.32 -31.30 -8.34
N GLY B 102 -4.31 -32.16 -8.41
CA GLY B 102 -2.96 -31.78 -8.03
C GLY B 102 -2.11 -31.47 -9.23
N GLU B 103 -1.56 -30.25 -9.27
CA GLU B 103 -0.63 -29.89 -10.32
C GLU B 103 0.71 -30.54 -10.03
N ALA B 104 1.32 -31.13 -11.06
CA ALA B 104 2.62 -31.74 -10.89
C ALA B 104 3.67 -30.66 -10.75
N ILE B 105 4.73 -30.98 -10.03
CA ILE B 105 5.85 -30.08 -9.87
C ILE B 105 7.15 -30.83 -10.10
N ASN B 106 8.21 -30.07 -10.36
CA ASN B 106 9.56 -30.59 -10.55
C ASN B 106 10.49 -29.76 -9.69
N SER B 107 11.52 -30.38 -9.14
CA SER B 107 12.49 -29.67 -8.34
C SER B 107 13.61 -29.14 -9.23
N ILE B 108 13.99 -27.89 -9.02
CA ILE B 108 15.08 -27.30 -9.78
C ILE B 108 15.87 -26.33 -8.90
N ASN B 109 17.17 -26.27 -9.13
CA ASN B 109 18.06 -25.40 -8.36
C ASN B 109 17.89 -23.94 -8.79
N ARG B 110 17.60 -23.06 -7.82
CA ARG B 110 17.34 -21.64 -8.09
C ARG B 110 18.53 -20.95 -8.74
N SER B 111 19.70 -21.14 -8.13
CA SER B 111 20.93 -20.51 -8.56
C SER B 111 21.28 -20.92 -9.98
N VAL B 112 21.15 -22.22 -10.27
CA VAL B 112 21.45 -22.73 -11.59
C VAL B 112 20.45 -22.25 -12.63
N LEU B 113 19.16 -22.26 -12.29
CA LEU B 113 18.14 -21.79 -13.23
C LEU B 113 18.38 -20.31 -13.58
N ASN B 114 18.65 -19.50 -12.57
CA ASN B 114 18.86 -18.06 -12.75
C ASN B 114 20.12 -17.80 -13.57
N ASN B 115 21.18 -18.58 -13.30
CA ASN B 115 22.42 -18.46 -14.07
C ASN B 115 22.29 -18.93 -15.52
N SER B 116 21.44 -19.93 -15.76
CA SER B 116 21.28 -20.46 -17.11
C SER B 116 20.49 -19.49 -17.97
N LEU B 117 19.59 -18.75 -17.34
CA LEU B 117 18.79 -17.77 -18.07
C LEU B 117 19.68 -16.64 -18.54
N LEU B 118 20.66 -16.26 -17.71
CA LEU B 118 21.64 -15.23 -18.06
C LEU B 118 22.60 -15.69 -19.15
N ASP B 119 22.92 -16.97 -19.18
CA ASP B 119 23.72 -17.54 -20.27
C ASP B 119 22.99 -17.43 -21.60
N GLU B 120 21.69 -17.76 -21.61
CA GLU B 120 20.88 -17.62 -22.82
C GLU B 120 20.80 -16.18 -23.29
N LEU B 121 20.82 -15.24 -22.35
CA LEU B 121 20.70 -13.83 -22.70
C LEU B 121 21.97 -13.33 -23.41
N GLU B 122 23.11 -13.91 -23.07
CA GLU B 122 24.39 -13.49 -23.66
C GLU B 122 24.57 -14.01 -25.07
N LYS B 123 23.62 -14.83 -25.52
CA LYS B 123 23.59 -15.34 -26.88
C LYS B 123 22.76 -14.42 -27.77
N SER B 124 22.13 -13.42 -27.16
CA SER B 124 21.30 -12.47 -27.89
C SER B 124 21.89 -11.07 -27.79
N THR B 125 21.18 -10.09 -28.30
CA THR B 125 21.68 -8.72 -28.32
C THR B 125 21.38 -8.00 -27.01
N THR B 126 20.79 -8.73 -26.06
CA THR B 126 20.42 -8.15 -24.78
C THR B 126 21.63 -7.60 -24.04
N GLU B 127 21.56 -6.33 -23.65
CA GLU B 127 22.61 -5.70 -22.87
C GLU B 127 22.39 -5.94 -21.38
N LEU B 128 23.40 -6.50 -20.73
CA LEU B 128 23.33 -6.76 -19.30
C LEU B 128 24.11 -5.72 -18.52
N LYS B 129 23.42 -4.88 -17.76
CA LYS B 129 24.09 -3.90 -16.93
C LYS B 129 23.89 -4.11 -15.43
N PHE B 130 24.73 -4.96 -14.85
CA PHE B 130 24.73 -5.16 -13.41
C PHE B 130 25.34 -3.93 -12.72
N GLY B 131 25.03 -3.76 -11.43
CA GLY B 131 25.56 -2.64 -10.68
C GLY B 131 24.83 -1.31 -10.90
N HIS B 132 23.65 -1.38 -11.52
CA HIS B 132 22.84 -0.18 -11.79
C HIS B 132 21.54 -0.19 -10.98
N LYS B 133 21.37 0.83 -10.13
CA LYS B 133 20.16 0.96 -9.33
C LYS B 133 19.22 2.00 -9.95
N LEU B 134 17.99 1.62 -10.27
CA LEU B 134 17.03 2.56 -10.78
C LEU B 134 16.64 3.45 -9.62
N VAL B 135 16.74 4.77 -9.82
CA VAL B 135 16.40 5.71 -8.75
C VAL B 135 15.27 6.64 -9.11
N LYS B 136 15.05 6.87 -10.41
CA LYS B 136 14.01 7.76 -10.88
C LYS B 136 13.62 7.48 -12.34
N ILE B 137 12.37 7.77 -12.69
CA ILE B 137 11.94 7.75 -14.08
C ILE B 137 11.15 9.01 -14.43
N GLU B 138 11.53 9.69 -15.52
CA GLU B 138 10.74 10.78 -16.07
C GLU B 138 9.84 10.25 -17.19
N TRP B 139 8.53 10.42 -17.04
CA TRP B 139 7.56 9.86 -17.99
C TRP B 139 7.15 10.88 -19.04
N THR B 140 7.29 10.52 -20.31
CA THR B 140 6.80 11.38 -21.38
C THR B 140 5.88 10.62 -22.33
N ASP B 141 5.47 11.28 -23.40
CA ASP B 141 4.57 10.69 -24.38
C ASP B 141 5.33 9.90 -25.43
N ASP B 142 6.62 10.21 -25.55
CA ASP B 142 7.56 9.44 -26.35
C ASP B 142 8.88 9.33 -25.60
N LYS B 143 9.29 8.11 -25.29
CA LYS B 143 10.53 7.84 -24.55
C LYS B 143 10.55 8.28 -23.08
N GLN B 144 10.79 7.29 -22.22
CA GLN B 144 10.81 7.48 -20.78
C GLN B 144 12.27 7.56 -20.33
N ILE B 145 12.57 8.50 -19.45
CA ILE B 145 13.95 8.72 -19.06
C ILE B 145 14.28 8.03 -17.74
N CYS B 146 15.19 7.05 -17.81
CA CYS B 146 15.51 6.22 -16.66
C CYS B 146 16.81 6.65 -15.98
N HIS B 147 16.71 7.04 -14.71
CA HIS B 147 17.86 7.50 -13.94
C HIS B 147 18.43 6.39 -13.07
N PHE B 148 19.73 6.16 -13.19
CA PHE B 148 20.41 5.13 -12.43
C PHE B 148 21.57 5.68 -11.62
N ALA B 149 21.95 4.96 -10.56
CA ALA B 149 23.17 5.24 -9.82
C ALA B 149 24.04 4.00 -9.85
N ILE B 150 25.35 4.19 -9.93
CA ILE B 150 26.29 3.06 -10.08
C ILE B 150 27.26 2.87 -8.92
N GLY B 151 27.16 1.71 -8.26
CA GLY B 151 28.15 1.27 -7.29
C GLY B 151 28.28 2.01 -5.98
N GLU B 152 28.19 1.26 -4.88
CA GLU B 152 28.37 1.73 -3.49
C GLU B 152 28.17 3.22 -3.19
N ASP B 153 29.18 4.05 -3.45
CA ASP B 153 29.11 5.48 -3.18
C ASP B 153 28.32 6.20 -4.27
N LEU B 154 27.90 5.42 -5.26
CA LEU B 154 26.98 5.86 -6.31
C LEU B 154 27.56 6.90 -7.27
N LYS B 155 27.66 6.51 -8.55
CA LYS B 155 27.96 7.44 -9.62
C LYS B 155 26.66 8.14 -9.97
N THR B 156 26.47 8.42 -11.26
CA THR B 156 25.20 8.95 -11.74
C THR B 156 25.07 8.67 -13.23
N PRO B 157 24.96 7.38 -13.58
CA PRO B 157 24.88 6.61 -14.83
C PRO B 157 24.23 7.36 -15.98
N HIS B 158 24.46 8.67 -16.05
CA HIS B 158 23.86 9.53 -17.05
C HIS B 158 22.34 9.35 -16.97
N THR B 159 21.81 8.54 -17.87
CA THR B 159 20.41 8.20 -18.01
C THR B 159 20.35 7.52 -19.35
N GLU B 160 19.25 6.85 -19.64
CA GLU B 160 19.02 6.37 -20.98
C GLU B 160 17.56 6.55 -21.29
N LYS B 161 17.24 6.80 -22.54
CA LYS B 161 15.84 6.91 -22.96
C LYS B 161 15.36 5.54 -23.44
N TYR B 162 14.10 5.21 -23.17
CA TYR B 162 13.56 3.94 -23.62
C TYR B 162 12.11 4.10 -24.08
N ASP B 163 11.71 3.32 -25.07
CA ASP B 163 10.32 3.41 -25.52
C ASP B 163 9.38 2.97 -24.41
N PHE B 164 9.77 1.95 -23.65
CA PHE B 164 8.97 1.49 -22.51
C PHE B 164 9.80 0.79 -21.43
N VAL B 165 9.20 0.65 -20.25
CA VAL B 165 9.90 0.09 -19.09
C VAL B 165 9.17 -1.14 -18.51
N ILE B 166 9.90 -2.17 -18.16
CA ILE B 166 9.31 -3.30 -17.45
C ILE B 166 9.88 -3.41 -16.05
N GLY B 167 9.01 -3.26 -15.05
CA GLY B 167 9.44 -3.43 -13.67
C GLY B 167 9.40 -4.90 -13.27
N CYS B 168 10.57 -5.53 -13.19
CA CYS B 168 10.71 -6.88 -12.61
C CYS B 168 11.62 -6.80 -11.41
N ASP B 169 11.35 -5.84 -10.54
CA ASP B 169 12.32 -5.52 -9.51
C ASP B 169 11.93 -5.93 -8.09
N GLY B 170 11.04 -6.92 -7.99
CA GLY B 170 10.78 -7.60 -6.72
C GLY B 170 9.78 -6.91 -5.82
N ALA B 171 9.60 -7.48 -4.63
CA ALA B 171 8.54 -7.06 -3.70
C ALA B 171 8.60 -5.57 -3.39
N TYR B 172 9.79 -4.97 -3.47
CA TYR B 172 9.95 -3.57 -3.13
C TYR B 172 10.22 -2.67 -4.35
N SER B 173 9.67 -3.08 -5.50
CA SER B 173 9.83 -2.40 -6.78
C SER B 173 9.99 -0.87 -6.74
N ALA B 174 11.19 -0.41 -7.06
CA ALA B 174 11.43 1.01 -7.30
C ALA B 174 10.60 1.43 -8.51
N THR B 175 10.51 0.57 -9.52
CA THR B 175 9.73 0.89 -10.71
C THR B 175 8.28 1.19 -10.35
N ARG B 176 7.70 0.35 -9.49
CA ARG B 176 6.32 0.54 -9.04
C ARG B 176 6.15 1.91 -8.35
N SER B 177 7.12 2.30 -7.55
CA SER B 177 7.08 3.61 -6.90
C SER B 177 7.04 4.76 -7.92
N GLN B 178 7.93 4.70 -8.91
CA GLN B 178 7.99 5.72 -9.97
C GLN B 178 6.73 5.76 -10.82
N MET B 179 6.14 4.58 -11.02
CA MET B 179 4.90 4.49 -11.76
C MET B 179 3.77 5.19 -11.01
N GLN B 180 3.81 5.08 -9.68
CA GLN B 180 2.79 5.65 -8.81
C GLN B 180 2.69 7.17 -8.92
N ARG B 181 3.72 7.80 -9.48
CA ARG B 181 3.71 9.23 -9.79
C ARG B 181 2.86 9.54 -11.01
N LYS B 182 2.79 8.59 -11.94
CA LYS B 182 2.17 8.88 -13.23
C LYS B 182 0.74 8.35 -13.26
N VAL B 183 0.48 7.32 -12.47
CA VAL B 183 -0.85 6.72 -12.43
C VAL B 183 -1.34 6.66 -11.00
N GLU B 184 -2.65 6.69 -10.83
CA GLU B 184 -3.30 6.46 -9.55
C GLU B 184 -3.29 4.96 -9.35
N MET B 185 -2.51 4.47 -8.40
CA MET B 185 -2.37 3.02 -8.22
C MET B 185 -2.88 2.61 -6.87
N ASP B 186 -3.91 1.77 -6.84
CA ASP B 186 -4.28 1.12 -5.60
C ASP B 186 -3.09 0.23 -5.22
N PHE B 187 -2.72 0.24 -3.95
CA PHE B 187 -1.53 -0.48 -3.50
C PHE B 187 -1.79 -1.05 -2.11
N SER B 188 -1.27 -2.25 -1.83
CA SER B 188 -1.26 -2.71 -0.45
C SER B 188 -0.03 -3.54 -0.11
N GLN B 189 0.50 -3.33 1.09
CA GLN B 189 1.56 -4.17 1.61
C GLN B 189 1.14 -4.73 2.96
N GLU B 190 1.35 -6.03 3.16
CA GLU B 190 1.01 -6.70 4.39
C GLU B 190 2.18 -7.60 4.84
N TYR B 191 2.73 -7.31 6.02
CA TYR B 191 3.88 -8.04 6.53
C TYR B 191 3.38 -9.29 7.25
N MET B 192 3.51 -10.44 6.61
CA MET B 192 2.93 -11.65 7.18
C MET B 192 3.58 -12.09 8.47
N ASN B 193 2.80 -12.67 9.34
CA ASN B 193 3.35 -13.30 10.53
C ASN B 193 4.31 -14.49 10.22
N LEU B 194 4.22 -15.07 9.03
CA LEU B 194 5.03 -16.24 8.65
C LEU B 194 6.56 -16.02 8.65
N ARG B 195 7.30 -17.03 9.11
CA ARG B 195 8.74 -17.03 8.93
C ARG B 195 9.21 -18.37 8.36
N TYR B 196 10.32 -18.38 7.64
CA TYR B 196 10.88 -19.65 7.18
C TYR B 196 12.36 -19.81 7.55
N ILE B 197 12.74 -21.06 7.76
CA ILE B 197 14.11 -21.41 8.08
C ILE B 197 14.59 -22.55 7.15
N GLU B 198 15.75 -22.37 6.56
CA GLU B 198 16.32 -23.31 5.62
C GLU B 198 17.15 -24.38 6.35
N LEU B 199 16.73 -25.64 6.21
CA LEU B 199 17.42 -26.76 6.84
C LEU B 199 17.98 -27.70 5.77
N TYR B 200 18.75 -28.70 6.19
CA TYR B 200 19.50 -29.48 5.24
C TYR B 200 19.51 -30.98 5.56
N ILE B 201 19.17 -31.79 4.55
CA ILE B 201 19.28 -33.24 4.67
C ILE B 201 20.37 -33.74 3.72
N PRO B 202 21.49 -34.22 4.28
CA PRO B 202 22.62 -34.68 3.47
C PRO B 202 22.36 -35.94 2.62
N PRO B 203 23.19 -36.16 1.59
CA PRO B 203 23.06 -37.39 0.80
C PRO B 203 23.49 -38.59 1.65
N THR B 204 22.94 -39.76 1.37
CA THR B 204 23.43 -40.99 1.99
C THR B 204 24.84 -41.28 1.50
N GLU B 205 25.57 -42.13 2.23
CA GLU B 205 26.91 -42.53 1.80
C GLU B 205 26.89 -43.44 0.58
N GLU B 206 25.89 -44.32 0.55
CA GLU B 206 25.79 -45.35 -0.49
C GLU B 206 24.65 -45.07 -1.46
N PHE B 207 24.82 -45.49 -2.71
CA PHE B 207 23.78 -45.39 -3.72
C PHE B 207 22.60 -46.25 -3.29
N LYS B 208 21.39 -45.72 -3.40
CA LYS B 208 20.20 -46.47 -3.02
C LYS B 208 19.40 -46.78 -4.28
N PRO B 209 19.50 -48.02 -4.76
CA PRO B 209 18.92 -48.43 -6.05
C PRO B 209 17.43 -48.18 -6.17
N ASN B 210 16.69 -48.32 -5.07
CA ASN B 210 15.25 -48.07 -5.07
C ASN B 210 14.86 -46.59 -5.21
N TYR B 211 15.83 -45.68 -5.09
CA TYR B 211 15.58 -44.25 -5.19
C TYR B 211 16.31 -43.64 -6.39
N GLY B 212 17.32 -44.35 -6.89
CA GLY B 212 18.09 -43.90 -8.04
C GLY B 212 19.19 -42.92 -7.67
N GLY B 213 19.65 -42.99 -6.43
CA GLY B 213 20.69 -42.08 -6.01
C GLY B 213 20.97 -42.19 -4.53
N ASN B 214 21.80 -41.28 -4.04
CA ASN B 214 22.12 -41.26 -2.62
C ASN B 214 21.11 -40.45 -1.80
N PHE B 215 19.85 -40.90 -1.83
CA PHE B 215 18.74 -40.22 -1.17
C PHE B 215 18.33 -40.88 0.15
N ALA B 216 18.14 -40.08 1.20
CA ALA B 216 17.76 -40.65 2.48
C ALA B 216 16.28 -40.99 2.46
N ILE B 217 15.53 -40.28 1.62
CA ILE B 217 14.10 -40.53 1.50
C ILE B 217 13.70 -40.42 0.04
N ALA B 218 12.45 -40.71 -0.27
CA ALA B 218 11.96 -40.72 -1.64
C ALA B 218 12.12 -39.38 -2.36
N PRO B 219 12.95 -39.35 -3.41
CA PRO B 219 13.29 -38.13 -4.18
C PRO B 219 12.17 -37.66 -5.11
N ASP B 220 11.23 -38.53 -5.42
CA ASP B 220 10.16 -38.23 -6.38
C ASP B 220 8.87 -37.82 -5.68
N HIS B 221 8.96 -37.49 -4.39
CA HIS B 221 7.84 -36.89 -3.69
C HIS B 221 8.29 -35.61 -3.02
N LEU B 222 7.38 -34.65 -2.98
CA LEU B 222 7.53 -33.49 -2.10
C LEU B 222 7.14 -33.95 -0.71
N HIS B 223 8.09 -33.91 0.22
CA HIS B 223 7.83 -34.39 1.56
C HIS B 223 7.27 -33.26 2.42
N ILE B 224 6.17 -33.54 3.12
CA ILE B 224 5.54 -32.58 3.99
C ILE B 224 5.28 -33.20 5.36
N TRP B 225 5.59 -32.44 6.40
CA TRP B 225 5.26 -32.79 7.79
C TRP B 225 4.28 -31.72 8.26
N PRO B 226 2.99 -31.88 7.96
CA PRO B 226 2.05 -30.79 8.31
C PRO B 226 1.73 -30.81 9.81
N ARG B 227 1.88 -29.65 10.45
CA ARG B 227 1.49 -29.51 11.84
C ARG B 227 0.53 -28.32 12.01
N HIS B 228 0.14 -28.05 13.24
CA HIS B 228 -0.82 -26.98 13.52
C HIS B 228 -0.16 -25.61 13.38
N LYS B 229 -0.37 -24.94 12.25
CA LYS B 229 0.22 -23.62 11.95
C LYS B 229 1.75 -23.61 11.84
N PHE B 230 2.34 -24.79 11.72
CA PHE B 230 3.74 -24.86 11.34
C PHE B 230 3.98 -26.12 10.50
N MET B 231 5.11 -26.18 9.80
CA MET B 231 5.28 -27.21 8.78
C MET B 231 6.72 -27.38 8.43
N LEU B 232 7.12 -28.63 8.19
CA LEU B 232 8.42 -28.94 7.63
C LEU B 232 8.19 -29.48 6.22
N ILE B 233 9.05 -29.12 5.29
CA ILE B 233 9.01 -29.70 3.95
C ILE B 233 10.42 -30.09 3.52
N ALA B 234 10.52 -30.91 2.49
CA ALA B 234 11.81 -31.32 1.95
C ALA B 234 11.64 -31.59 0.45
N LEU B 235 12.55 -31.06 -0.36
CA LEU B 235 12.50 -31.26 -1.80
C LEU B 235 13.90 -31.64 -2.27
N ALA B 236 14.01 -32.70 -3.06
CA ALA B 236 15.31 -33.26 -3.44
C ALA B 236 16.18 -32.32 -4.30
N ASN B 237 17.49 -32.47 -4.12
CA ASN B 237 18.49 -31.85 -4.97
C ASN B 237 19.13 -32.98 -5.77
N SER B 238 19.87 -32.64 -6.82
CA SER B 238 20.43 -33.65 -7.73
C SER B 238 21.53 -34.51 -7.11
N ASP B 239 22.23 -33.96 -6.12
CA ASP B 239 23.36 -34.66 -5.53
C ASP B 239 22.96 -35.68 -4.45
N GLY B 240 21.65 -35.79 -4.21
CA GLY B 240 21.16 -36.79 -3.26
C GLY B 240 20.66 -36.16 -1.97
N SER B 241 21.10 -34.94 -1.70
CA SER B 241 20.65 -34.19 -0.54
C SER B 241 19.23 -33.61 -0.76
N PHE B 242 18.64 -33.08 0.31
CA PHE B 242 17.33 -32.42 0.23
C PHE B 242 17.44 -31.03 0.82
N THR B 243 16.81 -30.07 0.15
CA THR B 243 16.59 -28.76 0.73
C THR B 243 15.34 -28.85 1.59
N SER B 244 15.47 -28.50 2.85
CA SER B 244 14.37 -28.66 3.78
C SER B 244 13.99 -27.26 4.26
N THR B 245 12.70 -27.03 4.49
CA THR B 245 12.28 -25.71 4.95
C THR B 245 11.26 -25.81 6.06
N PHE B 246 11.52 -25.10 7.13
CA PHE B 246 10.54 -24.98 8.20
C PHE B 246 9.77 -23.65 8.09
N PHE B 247 8.46 -23.71 8.20
CA PHE B 247 7.57 -22.54 8.18
C PHE B 247 6.79 -22.47 9.48
N GLY B 248 6.91 -21.35 10.19
CA GLY B 248 6.14 -21.14 11.41
C GLY B 248 5.96 -19.65 11.71
N SER B 249 5.13 -19.33 12.69
CA SER B 249 4.94 -17.91 13.07
C SER B 249 6.20 -17.25 13.67
N LYS B 250 6.27 -15.92 13.58
CA LYS B 250 7.39 -15.17 14.17
C LYS B 250 7.47 -15.41 15.68
N ASP B 251 6.31 -15.55 16.31
CA ASP B 251 6.21 -15.65 17.74
C ASP B 251 6.61 -17.06 18.18
N GLN B 252 6.14 -18.06 17.45
CA GLN B 252 6.53 -19.43 17.77
C GLN B 252 8.04 -19.54 17.74
N ILE B 253 8.64 -19.08 16.65
CA ILE B 253 10.08 -19.20 16.50
C ILE B 253 10.85 -18.38 17.54
N SER B 254 10.41 -17.13 17.79
CA SER B 254 11.08 -16.27 18.78
C SER B 254 11.11 -16.96 20.12
N ASP B 255 9.98 -17.56 20.47
CA ASP B 255 9.86 -18.25 21.74
C ASP B 255 10.73 -19.51 21.81
N LEU B 256 10.98 -20.14 20.67
CA LEU B 256 11.79 -21.37 20.65
C LEU B 256 13.28 -21.06 20.77
N ILE B 257 13.76 -20.03 20.08
CA ILE B 257 15.21 -19.84 19.96
C ILE B 257 15.89 -19.23 21.17
N THR B 258 15.19 -19.16 22.30
CA THR B 258 15.81 -18.73 23.56
C THR B 258 16.75 -19.79 24.15
N SER B 259 16.63 -21.03 23.70
CA SER B 259 17.56 -22.06 24.16
C SER B 259 17.77 -23.18 23.14
N LYS B 260 19.01 -23.63 23.05
CA LYS B 260 19.36 -24.75 22.18
C LYS B 260 18.51 -25.96 22.52
N SER B 261 18.38 -26.26 23.81
CA SER B 261 17.65 -27.46 24.23
C SER B 261 16.20 -27.39 23.80
N ARG B 262 15.58 -26.23 23.93
CA ARG B 262 14.16 -26.19 23.63
C ARG B 262 13.87 -26.29 22.12
N VAL B 263 14.82 -25.88 21.28
CA VAL B 263 14.68 -26.05 19.85
C VAL B 263 14.85 -27.54 19.48
N ARG B 264 15.84 -28.19 20.08
CA ARG B 264 16.07 -29.60 19.82
C ARG B 264 14.90 -30.48 20.24
N GLU B 265 14.33 -30.19 21.41
CA GLU B 265 13.18 -30.93 21.94
C GLU B 265 11.93 -30.72 21.07
N PHE B 266 11.77 -29.51 20.55
CA PHE B 266 10.69 -29.20 19.63
C PHE B 266 10.82 -30.04 18.36
N LEU B 267 12.02 -30.08 17.78
CA LEU B 267 12.27 -30.83 16.55
C LEU B 267 12.04 -32.33 16.74
N ILE B 268 12.60 -32.90 17.80
CA ILE B 268 12.45 -34.33 18.07
C ILE B 268 10.99 -34.73 18.29
N GLU B 269 10.29 -33.94 19.10
CA GLU B 269 8.89 -34.20 19.40
C GLU B 269 7.97 -34.10 18.18
N ASN B 270 8.22 -33.14 17.29
CA ASN B 270 7.32 -32.93 16.16
C ASN B 270 7.72 -33.67 14.90
N PHE B 271 9.02 -33.85 14.72
CA PHE B 271 9.54 -34.49 13.51
C PHE B 271 10.44 -35.69 13.85
N PRO B 272 9.88 -36.69 14.58
CA PRO B 272 10.75 -37.76 15.09
C PRO B 272 11.54 -38.48 13.99
N ASP B 273 10.97 -38.61 12.80
CA ASP B 273 11.63 -39.36 11.73
C ASP B 273 12.69 -38.55 10.97
N ILE B 274 13.05 -37.37 11.45
CA ILE B 274 14.14 -36.62 10.80
C ILE B 274 15.54 -36.82 11.38
N ILE B 275 15.64 -37.35 12.60
CA ILE B 275 16.95 -37.63 13.20
C ILE B 275 17.75 -38.73 12.47
N ASN B 276 17.03 -39.64 11.82
CA ASN B 276 17.70 -40.64 10.99
C ASN B 276 18.46 -40.03 9.80
N ILE B 277 18.14 -38.78 9.46
CA ILE B 277 18.59 -38.24 8.19
C ILE B 277 19.15 -36.81 8.26
N MET B 278 19.15 -36.23 9.45
CA MET B 278 19.53 -34.84 9.59
C MET B 278 20.38 -34.69 10.84
N ASP B 279 21.43 -33.88 10.76
CA ASP B 279 22.26 -33.64 11.94
C ASP B 279 21.55 -32.66 12.86
N LEU B 280 21.18 -33.13 14.05
CA LEU B 280 20.37 -32.35 14.96
C LEU B 280 21.04 -31.09 15.49
N ASP B 281 22.32 -31.17 15.87
CA ASP B 281 23.01 -29.97 16.35
C ASP B 281 23.10 -28.94 15.24
N ASP B 282 23.32 -29.42 14.03
CA ASP B 282 23.42 -28.51 12.89
C ASP B 282 22.07 -27.86 12.62
N ALA B 283 21.00 -28.64 12.75
CA ALA B 283 19.67 -28.11 12.57
C ALA B 283 19.36 -27.03 13.61
N VAL B 284 19.63 -27.35 14.87
CA VAL B 284 19.45 -26.40 15.96
C VAL B 284 20.24 -25.13 15.67
N LYS B 285 21.49 -25.30 15.27
CA LYS B 285 22.35 -24.17 14.88
C LYS B 285 21.75 -23.35 13.74
N ARG B 286 21.37 -24.01 12.64
CA ARG B 286 20.74 -23.31 11.53
C ARG B 286 19.47 -22.57 11.96
N PHE B 287 18.76 -23.17 12.91
CA PHE B 287 17.47 -22.66 13.39
C PHE B 287 17.59 -21.34 14.14
N ILE B 288 18.62 -21.24 14.99
CA ILE B 288 18.82 -20.06 15.82
C ILE B 288 19.57 -18.95 15.07
N THR B 289 20.52 -19.34 14.21
CA THR B 289 21.32 -18.35 13.52
C THR B 289 20.65 -17.93 12.21
N TYR B 290 19.39 -18.30 12.08
CA TYR B 290 18.64 -18.07 10.84
C TYR B 290 18.51 -16.57 10.55
N PRO B 291 18.80 -16.18 9.30
CA PRO B 291 18.53 -14.81 8.91
C PRO B 291 17.02 -14.65 8.80
N LYS B 292 16.42 -13.90 9.72
CA LYS B 292 14.98 -13.70 9.71
C LYS B 292 14.57 -12.81 8.54
N GLU B 293 14.11 -13.43 7.46
CA GLU B 293 13.58 -12.67 6.34
C GLU B 293 12.14 -12.28 6.64
N SER B 294 11.84 -11.00 6.48
CA SER B 294 10.46 -10.58 6.62
C SER B 294 9.71 -10.82 5.32
N LEU B 295 8.57 -11.46 5.45
CA LEU B 295 7.77 -11.83 4.30
C LEU B 295 6.71 -10.77 4.12
N VAL B 296 6.64 -10.18 2.93
CA VAL B 296 5.64 -9.16 2.64
C VAL B 296 4.75 -9.59 1.46
N CYS B 297 3.45 -9.41 1.62
CA CYS B 297 2.53 -9.64 0.51
C CYS B 297 2.16 -8.28 -0.07
N VAL B 298 2.42 -8.10 -1.36
CA VAL B 298 2.08 -6.86 -2.03
C VAL B 298 1.13 -7.07 -3.22
N ASN B 299 0.16 -6.17 -3.33
CA ASN B 299 -0.76 -6.15 -4.48
C ASN B 299 -0.91 -4.73 -5.00
N CYS B 300 -1.27 -4.60 -6.28
CA CYS B 300 -1.50 -3.28 -6.84
C CYS B 300 -2.29 -3.38 -8.14
N LYS B 301 -2.86 -2.24 -8.55
CA LYS B 301 -3.74 -2.14 -9.71
C LYS B 301 -3.85 -0.65 -10.06
N PRO B 302 -3.57 -0.28 -11.32
CA PRO B 302 -3.23 -1.15 -12.46
C PRO B 302 -1.78 -1.62 -12.45
N TYR B 303 -1.43 -2.56 -13.35
CA TYR B 303 -0.05 -3.02 -13.50
C TYR B 303 0.71 -2.21 -14.54
N ASP B 304 0.02 -1.29 -15.22
CA ASP B 304 0.60 -0.56 -16.37
C ASP B 304 0.45 0.97 -16.29
N VAL B 305 1.36 1.68 -16.94
CA VAL B 305 1.16 3.11 -17.24
C VAL B 305 0.49 3.21 -18.62
N PRO B 306 -0.61 3.99 -18.74
CA PRO B 306 -1.48 3.99 -19.93
C PRO B 306 -0.83 4.28 -21.28
N GLY B 307 0.39 4.78 -21.31
CA GLY B 307 0.99 4.96 -22.63
C GLY B 307 1.40 3.66 -23.32
N GLY B 308 1.22 2.53 -22.66
CA GLY B 308 1.91 1.31 -23.04
C GLY B 308 3.37 1.55 -22.72
N LYS B 309 3.64 2.44 -21.78
CA LYS B 309 5.01 2.83 -21.52
C LYS B 309 5.65 2.16 -20.31
N ALA B 310 4.88 1.39 -19.55
CA ALA B 310 5.43 0.58 -18.46
C ALA B 310 4.47 -0.51 -17.95
N ILE B 311 5.05 -1.57 -17.43
CA ILE B 311 4.26 -2.66 -16.86
C ILE B 311 5.06 -3.44 -15.80
N LEU B 312 4.36 -4.00 -14.83
CA LEU B 312 5.02 -4.70 -13.72
C LEU B 312 4.75 -6.21 -13.80
N LEU B 313 5.81 -7.01 -13.68
CA LEU B 313 5.72 -8.47 -13.74
C LEU B 313 6.43 -9.07 -12.51
N GLY B 314 6.00 -10.25 -12.06
CA GLY B 314 6.65 -10.91 -10.94
C GLY B 314 6.24 -10.33 -9.59
N ASP B 315 7.16 -10.40 -8.62
CA ASP B 315 6.86 -9.97 -7.27
C ASP B 315 6.59 -8.46 -7.19
N ALA B 316 7.18 -7.70 -8.11
CA ALA B 316 6.88 -6.26 -8.24
C ALA B 316 5.39 -6.02 -8.38
N ALA B 317 4.73 -6.91 -9.13
CA ALA B 317 3.30 -6.74 -9.35
C ALA B 317 2.50 -7.41 -8.23
N HIS B 318 2.99 -8.58 -7.81
CA HIS B 318 2.29 -9.37 -6.82
C HIS B 318 3.29 -10.27 -6.08
N ALA B 319 3.69 -9.87 -4.90
CA ALA B 319 4.52 -10.73 -4.06
C ALA B 319 3.57 -11.52 -3.17
N MET B 320 3.72 -12.83 -3.13
CA MET B 320 2.80 -13.63 -2.33
C MET B 320 3.49 -14.59 -1.35
N VAL B 321 2.69 -15.33 -0.59
CA VAL B 321 3.21 -16.25 0.42
C VAL B 321 4.06 -17.35 -0.23
N PRO B 322 5.25 -17.64 0.34
CA PRO B 322 6.05 -18.78 -0.11
C PRO B 322 5.37 -20.11 0.18
N PHE B 323 5.61 -21.11 -0.66
CA PHE B 323 4.96 -22.43 -0.60
C PHE B 323 3.45 -22.43 -0.90
N TYR B 324 2.66 -21.80 -0.03
CA TYR B 324 1.21 -21.75 -0.18
C TYR B 324 0.81 -21.02 -1.46
N GLY B 325 1.60 -20.01 -1.85
CA GLY B 325 1.51 -19.40 -3.15
C GLY B 325 2.73 -19.81 -3.96
N GLN B 326 2.81 -19.41 -5.22
CA GLN B 326 3.93 -19.78 -6.09
C GLN B 326 4.41 -18.61 -6.94
N GLY B 327 5.15 -17.70 -6.31
CA GLY B 327 5.61 -16.50 -6.96
C GLY B 327 6.36 -16.65 -8.28
N MET B 328 7.28 -17.64 -8.37
CA MET B 328 8.07 -17.80 -9.59
C MET B 328 7.18 -18.31 -10.72
N ASN B 329 6.38 -19.33 -10.43
CA ASN B 329 5.48 -19.88 -11.44
C ASN B 329 4.49 -18.82 -11.96
N CYS B 330 3.94 -18.03 -11.05
CA CYS B 330 3.02 -16.96 -11.45
C CYS B 330 3.73 -15.88 -12.25
N GLY B 331 4.99 -15.62 -11.89
CA GLY B 331 5.83 -14.68 -12.61
C GLY B 331 6.13 -15.11 -14.03
N PHE B 332 6.38 -16.40 -14.22
CA PHE B 332 6.63 -16.95 -15.55
C PHE B 332 5.36 -16.91 -16.40
N GLU B 333 4.23 -17.16 -15.77
CA GLU B 333 2.94 -17.06 -16.44
C GLU B 333 2.61 -15.61 -16.84
N ASP B 334 3.01 -14.65 -16.00
CA ASP B 334 2.86 -13.22 -16.32
C ASP B 334 3.44 -12.94 -17.69
N VAL B 335 4.69 -13.35 -17.88
CA VAL B 335 5.38 -13.14 -19.15
C VAL B 335 4.63 -13.79 -20.32
N ARG B 336 4.28 -15.07 -20.18
CA ARG B 336 3.60 -15.77 -21.27
C ARG B 336 2.28 -15.08 -21.66
N ILE B 337 1.53 -14.64 -20.65
CA ILE B 337 0.26 -13.99 -20.89
C ILE B 337 0.52 -12.67 -21.63
N LEU B 338 1.54 -11.95 -21.19
CA LEU B 338 1.91 -10.67 -21.82
C LEU B 338 2.29 -10.81 -23.30
N MET B 339 3.21 -11.71 -23.62
CA MET B 339 3.58 -11.94 -25.03
C MET B 339 2.40 -12.42 -25.90
N ALA B 340 1.51 -13.23 -25.34
CA ALA B 340 0.32 -13.65 -26.09
C ALA B 340 -0.57 -12.45 -26.39
N LEU B 341 -0.55 -11.46 -25.49
CA LEU B 341 -1.41 -10.29 -25.66
C LEU B 341 -0.82 -9.30 -26.68
N LEU B 342 0.50 -9.15 -26.64
CA LEU B 342 1.21 -8.31 -27.59
C LEU B 342 1.00 -8.84 -29.02
N LYS B 343 1.03 -10.15 -29.16
CA LYS B 343 0.97 -10.77 -30.48
C LYS B 343 -0.42 -10.64 -31.07
N LYS B 344 -1.44 -10.88 -30.24
CA LYS B 344 -2.83 -10.66 -30.64
C LYS B 344 -3.11 -9.20 -31.03
N HIS B 345 -2.40 -8.26 -30.41
CA HIS B 345 -2.63 -6.85 -30.69
C HIS B 345 -1.57 -6.29 -31.63
N SER B 346 -0.81 -7.19 -32.26
CA SER B 346 0.17 -6.82 -33.27
C SER B 346 1.16 -5.77 -32.82
N GLY B 347 1.64 -5.90 -31.59
CA GLY B 347 2.71 -5.03 -31.14
C GLY B 347 2.22 -3.70 -30.61
N ASP B 348 0.91 -3.57 -30.43
CA ASP B 348 0.30 -2.37 -29.85
C ASP B 348 0.37 -2.52 -28.33
N ARG B 349 1.43 -1.98 -27.74
CA ARG B 349 1.65 -2.08 -26.30
C ARG B 349 0.59 -1.38 -25.46
N SER B 350 -0.03 -0.34 -26.02
CA SER B 350 -1.05 0.35 -25.26
C SER B 350 -2.30 -0.51 -25.08
N ARG B 351 -2.71 -1.17 -26.15
CA ARG B 351 -3.87 -2.03 -26.07
C ARG B 351 -3.55 -3.28 -25.24
N ALA B 352 -2.36 -3.82 -25.47
CA ALA B 352 -1.92 -5.06 -24.83
C ALA B 352 -1.74 -4.89 -23.32
N PHE B 353 -1.04 -3.83 -22.89
CA PHE B 353 -0.78 -3.63 -21.48
C PHE B 353 -2.08 -3.34 -20.74
N THR B 354 -2.99 -2.61 -21.40
CA THR B 354 -4.28 -2.30 -20.80
C THR B 354 -5.08 -3.58 -20.63
N GLU B 355 -5.11 -4.40 -21.67
CA GLU B 355 -5.78 -5.68 -21.54
C GLU B 355 -5.04 -6.57 -20.53
N TYR B 356 -3.74 -6.41 -20.38
CA TYR B 356 -3.02 -7.22 -19.39
C TYR B 356 -3.49 -6.95 -17.97
N THR B 357 -3.62 -5.67 -17.59
CA THR B 357 -4.14 -5.30 -16.29
C THR B 357 -5.51 -5.90 -16.02
N GLN B 358 -6.45 -5.69 -16.94
CA GLN B 358 -7.68 -6.48 -16.96
C GLN B 358 -7.24 -7.91 -17.23
N THR B 359 -8.09 -8.88 -16.95
CA THR B 359 -7.69 -10.30 -17.11
C THR B 359 -6.60 -10.79 -16.15
N ARG B 360 -5.43 -10.14 -16.06
CA ARG B 360 -4.45 -10.65 -15.08
C ARG B 360 -4.92 -10.38 -13.65
N HIS B 361 -5.61 -9.26 -13.46
CA HIS B 361 -6.24 -9.02 -12.18
C HIS B 361 -7.39 -9.98 -11.88
N LYS B 362 -8.13 -10.37 -12.93
CA LYS B 362 -9.12 -11.41 -12.79
C LYS B 362 -8.42 -12.68 -12.30
N ASP B 363 -7.31 -13.01 -12.93
CA ASP B 363 -6.54 -14.20 -12.57
C ASP B 363 -6.11 -14.16 -11.11
N LEU B 364 -5.73 -12.95 -10.66
CA LEU B 364 -5.13 -12.80 -9.35
C LEU B 364 -6.09 -13.17 -8.24
N VAL B 365 -7.38 -12.97 -8.49
CA VAL B 365 -8.41 -13.29 -7.52
C VAL B 365 -8.43 -14.80 -7.28
N SER B 366 -8.46 -15.57 -8.36
CA SER B 366 -8.42 -17.03 -8.25
C SER B 366 -7.11 -17.49 -7.62
N ILE B 367 -5.99 -16.85 -8.00
CA ILE B 367 -4.68 -17.25 -7.51
C ILE B 367 -4.55 -17.12 -5.99
N THR B 368 -4.90 -15.97 -5.46
CA THR B 368 -4.76 -15.78 -4.02
C THR B 368 -5.82 -16.56 -3.23
N GLU B 369 -6.99 -16.76 -3.82
CA GLU B 369 -8.00 -17.63 -3.20
C GLU B 369 -7.56 -19.09 -3.14
N LEU B 370 -6.69 -19.50 -4.06
CA LEU B 370 -6.13 -20.85 -4.05
C LEU B 370 -5.04 -20.95 -3.01
N ALA B 371 -4.30 -19.85 -2.82
CA ALA B 371 -3.24 -19.79 -1.84
C ALA B 371 -3.83 -19.86 -0.44
N LYS B 372 -4.92 -19.12 -0.23
CA LYS B 372 -5.64 -19.12 1.04
C LYS B 372 -6.11 -20.54 1.40
N ARG B 373 -6.83 -21.16 0.48
CA ARG B 373 -7.41 -22.49 0.69
C ARG B 373 -6.32 -23.54 0.91
N ASN B 374 -5.19 -23.37 0.25
CA ASN B 374 -4.08 -24.29 0.45
C ASN B 374 -3.45 -24.08 1.82
N TYR B 375 -3.39 -22.84 2.29
CA TYR B 375 -2.95 -22.57 3.66
C TYR B 375 -3.94 -23.17 4.67
N LYS B 376 -5.23 -23.05 4.37
CA LYS B 376 -6.28 -23.53 5.26
C LYS B 376 -6.17 -25.02 5.54
N GLU B 377 -6.25 -25.82 4.49
CA GLU B 377 -6.27 -27.27 4.66
C GLU B 377 -4.91 -27.91 5.03
N MET B 378 -3.81 -27.23 4.76
CA MET B 378 -2.50 -27.84 5.00
C MET B 378 -1.84 -27.39 6.32
N SER B 379 -2.23 -26.25 6.85
CA SER B 379 -1.61 -25.78 8.09
C SER B 379 -2.58 -25.21 9.11
N HIS B 380 -3.68 -24.62 8.65
CA HIS B 380 -4.67 -24.12 9.59
C HIS B 380 -5.62 -25.18 10.12
N ASP B 381 -6.13 -26.02 9.25
CA ASP B 381 -7.14 -27.02 9.64
C ASP B 381 -6.48 -28.33 10.08
N VAL B 382 -5.54 -28.22 11.01
CA VAL B 382 -4.73 -29.36 11.40
C VAL B 382 -4.83 -29.59 12.90
N THR B 383 -5.75 -30.46 13.31
CA THR B 383 -5.98 -30.73 14.72
C THR B 383 -6.06 -32.22 15.08
N SER B 384 -6.18 -33.09 14.08
CA SER B 384 -6.26 -34.52 14.33
C SER B 384 -5.08 -35.07 15.15
N LYS B 385 -5.32 -36.17 15.87
CA LYS B 385 -4.31 -36.73 16.77
C LYS B 385 -3.03 -37.19 16.06
N ARG B 386 -3.14 -37.55 14.78
CA ARG B 386 -1.96 -37.92 13.99
C ARG B 386 -1.02 -36.73 13.68
N PHE B 387 -1.52 -35.50 13.77
CA PHE B 387 -0.75 -34.34 13.32
C PHE B 387 -0.57 -33.25 14.38
N LEU B 388 -1.24 -33.39 15.53
CA LEU B 388 -1.12 -32.40 16.61
C LEU B 388 -0.83 -33.13 17.89
N LEU B 389 0.33 -32.81 18.48
CA LEU B 389 0.88 -33.50 19.63
C LEU B 389 0.09 -33.25 20.93
N ARG B 390 -0.30 -34.33 21.61
CA ARG B 390 -0.58 -34.26 23.06
C ARG B 390 0.48 -35.04 23.84
PA FAD C . -4.48 18.20 5.37
O1A FAD C . -5.64 19.14 5.39
O2A FAD C . -4.21 17.49 4.07
O5B FAD C . -3.16 19.01 5.86
C5B FAD C . -1.90 18.46 5.60
C4B FAD C . -0.88 19.56 5.43
O4B FAD C . 0.42 19.00 5.30
C3B FAD C . -1.13 20.40 4.16
O3B FAD C . -1.34 21.76 4.47
C2B FAD C . 0.12 20.23 3.34
O2B FAD C . 0.51 21.46 2.80
C1B FAD C . 1.14 19.76 4.35
N9A FAD C . 2.20 18.94 3.76
C8A FAD C . 2.08 17.86 2.91
N7A FAD C . 3.32 17.39 2.63
C5A FAD C . 4.24 18.14 3.31
C6A FAD C . 5.62 18.11 3.41
N6A FAD C . 6.35 17.18 2.79
N1A FAD C . 6.26 19.04 4.19
C2A FAD C . 5.54 19.99 4.89
N3A FAD C . 4.17 20.02 4.80
C4A FAD C . 3.53 19.11 4.03
N1 FAD C . -14.25 16.04 7.58
C2 FAD C . -15.16 16.26 8.58
O2 FAD C . -14.92 15.90 9.73
N3 FAD C . -16.36 16.89 8.34
C4 FAD C . -16.69 17.29 7.09
O4 FAD C . -17.77 17.85 6.88
C4X FAD C . -15.77 17.09 6.06
N5 FAD C . -16.09 17.51 4.79
C5X FAD C . -15.19 17.30 3.76
C6 FAD C . -15.56 17.70 2.48
C7 FAD C . -14.69 17.49 1.42
C7M FAD C . -15.10 17.96 0.06
C8 FAD C . -13.45 16.87 1.66
C8M FAD C . -12.51 16.64 0.52
C9 FAD C . -13.10 16.45 2.94
C9A FAD C . -13.97 16.66 4.00
N10 FAD C . -13.64 16.25 5.29
C10 FAD C . -14.55 16.45 6.31
C1' FAD C . -12.33 15.61 5.57
C2' FAD C . -11.36 16.74 6.04
O2' FAD C . -11.27 17.82 5.10
C3' FAD C . -9.95 16.19 6.26
O3' FAD C . -10.03 14.92 6.93
C4' FAD C . -9.10 17.10 7.15
O4' FAD C . -9.09 18.44 6.68
C5' FAD C . -7.69 16.52 7.10
O5' FAD C . -6.84 17.29 7.92
P FAD C . -5.27 17.04 7.95
O1P FAD C . -4.73 18.13 8.84
O2P FAD C . -5.00 15.62 8.45
O3P FAD C . -4.68 17.04 6.46
PA FAD D . 13.27 -11.00 -7.27
O1A FAD D . 13.78 -12.41 -7.19
O2A FAD D . 13.08 -10.29 -5.94
O5B FAD D . 14.29 -10.19 -8.22
C5B FAD D . 14.22 -8.79 -8.31
C4B FAD D . 15.59 -8.23 -8.73
O4B FAD D . 15.47 -6.83 -8.92
C3B FAD D . 16.68 -8.44 -7.70
O3B FAD D . 17.73 -9.16 -8.28
C2B FAD D . 17.12 -7.04 -7.30
O2B FAD D . 18.52 -6.93 -7.17
C1B FAD D . 16.62 -6.18 -8.44
N9A FAD D . 16.27 -4.80 -8.03
C8A FAD D . 15.44 -4.42 -7.00
N7A FAD D . 15.38 -3.06 -6.97
C5A FAD D . 16.15 -2.58 -7.97
C6A FAD D . 16.44 -1.27 -8.40
N6A FAD D . 15.81 -0.21 -7.90
N1A FAD D . 17.29 -1.10 -9.47
C2A FAD D . 17.84 -2.19 -10.12
N3A FAD D . 17.53 -3.47 -9.69
C4A FAD D . 16.71 -3.66 -8.64
N1 FAD D . 8.08 -19.67 -6.20
C2 FAD D . 7.75 -20.77 -6.97
O2 FAD D . 7.14 -20.62 -8.02
N3 FAD D . 8.08 -22.04 -6.53
C4 FAD D . 8.75 -22.22 -5.34
O4 FAD D . 9.07 -23.36 -4.94
C4X FAD D . 9.08 -21.11 -4.58
N5 FAD D . 9.75 -21.30 -3.39
C5X FAD D . 10.07 -20.21 -2.61
C6 FAD D . 10.73 -20.41 -1.40
C7 FAD D . 11.07 -19.32 -0.61
C7M FAD D . 11.80 -19.58 0.67
C8 FAD D . 10.75 -18.03 -1.03
C8M FAD D . 11.10 -16.82 -0.20
C9 FAD D . 10.07 -17.83 -2.24
C9A FAD D . 9.74 -18.93 -3.04
N10 FAD D . 9.07 -18.74 -4.24
C10 FAD D . 8.75 -19.84 -5.01
C1' FAD D . 8.74 -17.34 -4.70
C2' FAD D . 9.87 -16.86 -5.63
O2' FAD D . 11.16 -16.98 -5.04
C3' FAD D . 9.68 -15.39 -6.06
O3' FAD D . 8.33 -15.15 -6.38
C4' FAD D . 10.48 -15.10 -7.32
O4' FAD D . 11.88 -15.30 -7.14
C5' FAD D . 10.18 -13.67 -7.77
O5' FAD D . 11.18 -13.25 -8.67
P FAD D . 11.27 -11.74 -9.22
O1P FAD D . 12.24 -11.85 -10.37
O2P FAD D . 9.90 -11.21 -9.58
O3P FAD D . 11.83 -10.91 -7.96
#